data_4DGJ
#
_entry.id   4DGJ
#
_cell.length_a   53.181
_cell.length_b   147.704
_cell.length_c   148.654
_cell.angle_alpha   90.00
_cell.angle_beta   90.00
_cell.angle_gamma   90.00
#
_symmetry.space_group_name_H-M   'P 21 21 21'
#
loop_
_entity.id
_entity.type
_entity.pdbx_description
1 polymer 'Enteropeptidase catalytic light chain'
2 water water
#
_entity_poly.entity_id   1
_entity_poly.type   'polypeptide(L)'
_entity_poly.pdbx_seq_one_letter_code
;IVGGSDAKEGAWPWVVGLYYDDRLLCGASLVSSDWLVSAAHCVYGRNLEPSKWTAILGLHMKSNLTSPQTVPRLIDEIVI
NPHYNRRRKDNDIAMMHLEFKVNYTDYIQPISLPEENQVFPPGRNCSIAGWGTVVYQGTTADILQEADVPLLSNERCQQQ
MPEYNITENMICAGYEEGGIDSCQGDSGGPLMCQENNRWFLAGVTSFGYECALPNRPGVYARVSRFTEWIQSFLH
;
_entity_poly.pdbx_strand_id   A,B,C,D
#
# COMPACT_ATOMS: atom_id res chain seq x y z
N ILE A 1 -4.71 29.73 -6.79
CA ILE A 1 -5.77 29.98 -5.70
C ILE A 1 -7.05 30.58 -6.33
N VAL A 2 -8.18 29.91 -6.13
CA VAL A 2 -9.49 30.37 -6.62
C VAL A 2 -10.22 31.19 -5.50
N GLY A 3 -10.79 32.36 -5.84
CA GLY A 3 -11.62 33.09 -4.88
C GLY A 3 -10.83 33.79 -3.81
N GLY A 4 -9.52 33.94 -4.02
CA GLY A 4 -8.74 34.65 -3.06
C GLY A 4 -8.46 36.09 -3.55
N SER A 5 -7.47 36.76 -2.97
CA SER A 5 -7.19 38.14 -3.40
C SER A 5 -5.67 38.30 -3.32
N ASP A 6 -5.16 39.43 -3.80
CA ASP A 6 -3.74 39.71 -3.75
C ASP A 6 -3.27 39.77 -2.31
N ALA A 7 -2.22 39.02 -1.95
CA ALA A 7 -1.46 39.24 -0.71
C ALA A 7 -0.66 40.55 -0.79
N LYS A 8 -0.44 41.17 0.38
CA LYS A 8 0.49 42.28 0.62
C LYS A 8 1.87 41.66 0.71
N GLU A 9 2.89 42.40 0.28
CA GLU A 9 4.26 42.02 0.50
C GLU A 9 4.48 41.71 1.96
N GLY A 10 5.18 40.59 2.22
CA GLY A 10 5.50 40.22 3.60
C GLY A 10 4.42 39.42 4.33
N ALA A 11 3.27 39.22 3.72
CA ALA A 11 2.13 38.58 4.35
C ALA A 11 2.43 37.18 4.89
N TRP A 12 3.12 36.38 4.06
CA TRP A 12 3.40 34.98 4.32
C TRP A 12 4.90 34.71 4.01
N PRO A 13 5.77 35.12 4.92
CA PRO A 13 7.22 35.14 4.58
C PRO A 13 7.84 33.78 4.54
N TRP A 14 7.09 32.72 4.92
CA TRP A 14 7.59 31.32 4.67
C TRP A 14 7.21 30.73 3.31
N VAL A 15 6.38 31.47 2.55
CA VAL A 15 5.95 30.91 1.29
C VAL A 15 7.03 31.13 0.26
N VAL A 16 7.34 30.06 -0.50
CA VAL A 16 8.45 30.04 -1.46
C VAL A 16 7.91 29.54 -2.81
N GLY A 17 8.41 30.09 -3.92
CA GLY A 17 7.95 29.59 -5.24
C GLY A 17 9.04 28.68 -5.79
N LEU A 18 8.64 27.58 -6.40
CA LEU A 18 9.59 26.58 -6.87
C LEU A 18 9.61 26.62 -8.41
N TYR A 19 10.80 26.86 -8.98
CA TYR A 19 10.93 26.94 -10.44
C TYR A 19 11.67 25.76 -11.01
N TYR A 20 11.21 25.25 -12.16
CA TYR A 20 11.88 24.21 -12.88
C TYR A 20 11.76 24.57 -14.35
N ASP A 21 12.88 24.55 -15.07
CA ASP A 21 12.92 24.98 -16.49
C ASP A 21 12.25 26.37 -16.64
N ASP A 22 12.60 27.26 -15.74
CA ASP A 22 12.10 28.67 -15.78
C ASP A 22 10.58 28.88 -15.54
N ARG A 23 9.84 27.93 -14.93
CA ARG A 23 8.38 28.07 -14.75
C ARG A 23 8.14 27.80 -13.28
N LEU A 24 7.34 28.63 -12.63
CA LEU A 24 7.06 28.43 -11.17
C LEU A 24 6.04 27.31 -11.16
N LEU A 25 6.45 26.10 -10.81
CA LEU A 25 5.52 24.99 -10.90
C LEU A 25 4.76 24.63 -9.63
N CYS A 26 5.34 24.93 -8.48
CA CYS A 26 4.76 24.46 -7.20
C CYS A 26 5.16 25.48 -6.16
N GLY A 27 4.44 25.48 -5.05
CA GLY A 27 4.85 26.26 -3.83
C GLY A 27 5.70 25.37 -2.88
N ALA A 28 6.17 25.97 -1.78
CA ALA A 28 6.88 25.22 -0.73
C ALA A 28 6.91 26.14 0.47
N SER A 29 7.26 25.57 1.63
CA SER A 29 7.30 26.36 2.88
C SER A 29 8.70 26.25 3.49
N LEU A 30 9.27 27.39 3.81
CA LEU A 30 10.53 27.44 4.56
C LEU A 30 10.31 27.00 5.97
N VAL A 31 11.02 25.96 6.42
CA VAL A 31 10.93 25.47 7.80
C VAL A 31 12.23 25.62 8.64
N SER A 32 13.31 26.10 8.01
CA SER A 32 14.57 26.38 8.74
C SER A 32 15.41 27.25 7.85
N SER A 33 16.67 27.49 8.20
CA SER A 33 17.43 28.41 7.31
C SER A 33 17.87 27.69 6.01
N ASP A 34 17.72 26.37 5.93
CA ASP A 34 18.07 25.74 4.66
C ASP A 34 17.21 24.59 4.15
N TRP A 35 16.02 24.38 4.74
CA TRP A 35 15.11 23.33 4.31
C TRP A 35 13.73 23.90 4.03
N LEU A 36 13.22 23.44 2.88
CA LEU A 36 11.79 23.61 2.50
C LEU A 36 10.99 22.33 2.63
N VAL A 37 9.69 22.47 2.89
CA VAL A 37 8.71 21.35 2.81
C VAL A 37 7.83 21.65 1.60
N SER A 38 7.65 20.67 0.71
CA SER A 38 6.77 20.79 -0.43
C SER A 38 6.05 19.43 -0.64
N ALA A 39 5.47 19.22 -1.82
CA ALA A 39 4.67 18.02 -2.03
C ALA A 39 5.55 17.04 -2.85
N ALA A 40 5.52 15.75 -2.55
CA ALA A 40 6.26 14.75 -3.34
C ALA A 40 5.82 14.74 -4.80
N HIS A 41 4.53 14.98 -5.10
CA HIS A 41 4.13 14.77 -6.54
C HIS A 41 4.74 15.81 -7.42
N CYS A 42 5.06 16.96 -6.81
CA CYS A 42 5.70 18.06 -7.55
C CYS A 42 7.10 17.69 -8.12
N VAL A 43 7.86 16.87 -7.36
CA VAL A 43 9.29 16.59 -7.63
C VAL A 43 9.54 15.15 -7.96
N TYR A 44 8.56 14.26 -7.66
CA TYR A 44 8.66 12.83 -7.90
C TYR A 44 9.10 12.59 -9.37
N GLY A 45 10.08 11.69 -9.57
CA GLY A 45 10.52 11.35 -10.95
C GLY A 45 11.39 12.45 -11.55
N ARG A 46 11.58 13.61 -10.90
CA ARG A 46 12.40 14.65 -11.56
C ARG A 46 13.20 15.41 -10.47
N ASN A 47 13.71 14.63 -9.49
CA ASN A 47 14.37 15.21 -8.27
C ASN A 47 15.85 14.91 -8.13
N LEU A 48 16.33 14.04 -9.02
CA LEU A 48 17.66 13.45 -8.88
C LEU A 48 18.75 14.31 -9.51
N GLU A 49 18.37 15.29 -10.35
CA GLU A 49 19.30 16.40 -10.71
C GLU A 49 18.79 17.66 -10.00
N PRO A 50 19.04 17.76 -8.68
CA PRO A 50 18.20 18.71 -7.91
C PRO A 50 18.49 20.19 -8.31
N SER A 51 19.64 20.45 -8.90
CA SER A 51 20.03 21.80 -9.38
C SER A 51 19.15 22.39 -10.54
N LYS A 52 18.25 21.54 -11.05
CA LYS A 52 17.29 22.02 -12.05
C LYS A 52 16.17 22.75 -11.36
N TRP A 53 16.12 22.63 -10.02
CA TRP A 53 15.12 23.36 -9.24
C TRP A 53 15.71 24.58 -8.63
N THR A 54 14.96 25.69 -8.73
CA THR A 54 15.33 26.94 -8.06
C THR A 54 14.20 27.42 -7.14
N ALA A 55 14.48 27.72 -5.87
CA ALA A 55 13.56 28.41 -4.97
C ALA A 55 13.75 29.87 -5.00
N ILE A 56 12.65 30.60 -5.11
CA ILE A 56 12.71 32.03 -4.84
C ILE A 56 12.01 32.36 -3.52
N LEU A 57 12.76 32.94 -2.59
CA LEU A 57 12.22 33.24 -1.28
C LEU A 57 11.93 34.71 -1.27
N GLY A 58 10.97 35.16 -0.44
CA GLY A 58 10.66 36.61 -0.35
C GLY A 58 9.93 37.13 -1.61
N LEU A 59 9.34 36.21 -2.36
CA LEU A 59 8.62 36.48 -3.63
C LEU A 59 7.20 37.00 -3.37
N HIS A 60 6.83 38.05 -4.10
CA HIS A 60 5.47 38.58 -4.03
C HIS A 60 4.80 38.57 -5.37
N MET A 61 5.39 39.24 -6.37
CA MET A 61 4.78 39.33 -7.69
C MET A 61 5.77 38.80 -8.66
N LYS A 62 5.37 37.82 -9.46
CA LYS A 62 6.31 37.21 -10.43
C LYS A 62 6.93 38.20 -11.41
N SER A 63 6.16 39.21 -11.78
CA SER A 63 6.65 40.16 -12.81
C SER A 63 7.50 41.30 -12.23
N ASN A 64 7.59 41.40 -10.89
CA ASN A 64 8.37 42.49 -10.27
C ASN A 64 9.81 41.99 -10.33
N LEU A 65 10.55 42.51 -11.31
CA LEU A 65 11.94 42.06 -11.56
C LEU A 65 13.04 42.91 -10.90
N THR A 66 12.68 44.06 -10.32
CA THR A 66 13.63 44.79 -9.49
C THR A 66 13.31 44.65 -7.96
N SER A 67 12.95 43.45 -7.50
CA SER A 67 12.58 43.35 -6.09
C SER A 67 13.81 43.10 -5.22
N PRO A 68 14.15 44.02 -4.29
CA PRO A 68 15.35 43.73 -3.54
C PRO A 68 15.08 42.70 -2.43
N GLN A 69 13.84 42.35 -2.17
CA GLN A 69 13.72 41.37 -1.07
C GLN A 69 13.65 39.93 -1.39
N THR A 70 13.69 39.60 -2.67
CA THR A 70 13.57 38.22 -3.09
C THR A 70 14.99 37.71 -3.16
N VAL A 71 15.18 36.43 -2.89
CA VAL A 71 16.55 35.88 -2.88
C VAL A 71 16.35 34.55 -3.63
N PRO A 72 17.17 34.28 -4.66
CA PRO A 72 17.11 32.92 -5.26
C PRO A 72 18.09 31.89 -4.57
N ARG A 73 17.72 30.61 -4.56
CA ARG A 73 18.62 29.56 -4.08
C ARG A 73 18.44 28.34 -4.93
N LEU A 74 19.49 27.78 -5.50
CA LEU A 74 19.44 26.45 -6.12
CA LEU A 74 19.37 26.45 -6.14
C LEU A 74 19.06 25.40 -5.08
N ILE A 75 18.43 24.31 -5.51
CA ILE A 75 18.18 23.22 -4.61
C ILE A 75 19.24 22.14 -4.86
N ASP A 76 19.82 21.54 -3.82
CA ASP A 76 20.92 20.59 -4.05
C ASP A 76 20.62 19.21 -3.43
N GLU A 77 19.41 19.07 -2.86
CA GLU A 77 18.96 17.76 -2.45
C GLU A 77 17.43 17.74 -2.34
N ILE A 78 16.81 16.71 -2.86
CA ILE A 78 15.33 16.56 -2.73
C ILE A 78 15.08 15.16 -2.24
N VAL A 79 14.33 15.03 -1.13
CA VAL A 79 14.03 13.75 -0.54
C VAL A 79 12.54 13.56 -0.49
N ILE A 80 12.07 12.56 -1.23
CA ILE A 80 10.61 12.37 -1.14
C ILE A 80 10.31 11.55 0.08
N ASN A 81 9.09 11.67 0.64
CA ASN A 81 8.76 10.86 1.81
C ASN A 81 8.90 9.34 1.47
N PRO A 82 9.54 8.57 2.37
CA PRO A 82 9.73 7.15 2.01
C PRO A 82 8.45 6.36 1.89
N HIS A 83 7.32 6.86 2.41
CA HIS A 83 6.05 6.13 2.26
C HIS A 83 5.22 6.65 1.14
N TYR A 84 5.71 7.60 0.33
CA TYR A 84 4.87 8.21 -0.65
C TYR A 84 4.33 7.15 -1.63
N ASN A 85 3.03 7.20 -1.89
CA ASN A 85 2.39 6.30 -2.83
C ASN A 85 1.71 7.15 -3.87
N ARG A 86 2.25 7.11 -5.09
CA ARG A 86 1.82 8.05 -6.13
C ARG A 86 0.39 7.72 -6.57
N ARG A 87 0.10 6.43 -6.68
CA ARG A 87 -1.20 6.04 -7.19
C ARG A 87 -2.28 6.49 -6.23
N ARG A 88 -2.02 6.40 -4.92
CA ARG A 88 -3.03 6.62 -3.89
CA ARG A 88 -3.12 6.66 -4.01
C ARG A 88 -3.02 8.07 -3.43
N LYS A 89 -1.99 8.83 -3.87
CA LYS A 89 -1.72 10.18 -3.45
C LYS A 89 -1.38 10.23 -1.93
N ASP A 90 -0.99 9.12 -1.33
CA ASP A 90 -0.83 9.14 0.11
C ASP A 90 0.63 9.56 0.47
N ASN A 91 0.81 10.25 1.59
CA ASN A 91 2.12 10.68 2.04
C ASN A 91 2.80 11.63 1.05
N ASP A 92 2.02 12.61 0.58
CA ASP A 92 2.47 13.43 -0.53
C ASP A 92 3.30 14.66 0.00
N ILE A 93 4.54 14.44 0.35
CA ILE A 93 5.37 15.40 1.06
C ILE A 93 6.85 15.14 0.73
N ALA A 94 7.63 16.21 0.59
CA ALA A 94 9.06 16.08 0.20
C ALA A 94 9.86 17.17 0.94
N MET A 95 11.14 16.90 1.21
CA MET A 95 12.07 17.88 1.81
C MET A 95 12.99 18.40 0.69
N MET A 96 13.29 19.69 0.66
CA MET A 96 14.21 20.20 -0.40
C MET A 96 15.24 21.11 0.27
N HIS A 97 16.54 20.87 0.00
CA HIS A 97 17.60 21.58 0.72
C HIS A 97 18.06 22.75 -0.13
N LEU A 98 18.16 23.92 0.50
CA LEU A 98 18.73 25.10 -0.12
C LEU A 98 20.27 24.97 -0.19
N GLU A 99 20.87 25.21 -1.36
CA GLU A 99 22.32 25.10 -1.53
C GLU A 99 23.07 25.93 -0.52
N PHE A 100 22.56 27.10 -0.25
CA PHE A 100 23.11 27.96 0.84
C PHE A 100 22.00 28.48 1.75
N LYS A 101 22.30 28.69 3.04
CA LYS A 101 21.29 29.14 3.95
C LYS A 101 20.75 30.52 3.60
N VAL A 102 19.57 30.86 4.10
CA VAL A 102 19.03 32.20 3.96
C VAL A 102 19.08 32.90 5.33
N ASN A 103 19.24 34.21 5.28
CA ASN A 103 19.13 35.06 6.44
C ASN A 103 17.70 35.52 6.48
N TYR A 104 17.12 35.52 7.69
CA TYR A 104 15.69 35.83 7.80
C TYR A 104 15.49 37.34 7.78
N THR A 105 14.39 37.80 7.19
CA THR A 105 14.02 39.25 7.11
C THR A 105 12.50 39.37 7.31
N ASP A 106 11.92 40.57 7.18
CA ASP A 106 10.47 40.64 7.25
C ASP A 106 9.83 39.84 6.08
N TYR A 107 10.61 39.54 5.06
CA TYR A 107 10.02 38.85 3.90
C TYR A 107 10.36 37.37 3.80
N ILE A 108 11.33 36.93 4.64
CA ILE A 108 11.80 35.56 4.61
C ILE A 108 11.89 35.03 6.04
N GLN A 109 10.96 34.14 6.42
CA GLN A 109 10.92 33.58 7.77
CA GLN A 109 10.92 33.57 7.75
C GLN A 109 10.42 32.13 7.71
N PRO A 110 10.93 31.26 8.58
CA PRO A 110 10.39 29.90 8.68
C PRO A 110 9.05 29.85 9.39
N ILE A 111 8.25 28.82 9.06
CA ILE A 111 6.98 28.58 9.75
C ILE A 111 7.20 27.40 10.71
N SER A 112 6.64 27.52 11.91
CA SER A 112 6.68 26.40 12.86
C SER A 112 5.95 25.10 12.38
N LEU A 113 6.52 23.95 12.72
CA LEU A 113 5.79 22.68 12.59
C LEU A 113 4.86 22.51 13.74
N PRO A 114 3.78 21.70 13.58
CA PRO A 114 2.75 21.65 14.62
C PRO A 114 3.39 21.25 15.95
N GLU A 115 2.86 21.79 17.06
CA GLU A 115 3.25 21.37 18.44
C GLU A 115 2.85 19.92 18.67
N GLU A 116 3.53 19.23 19.58
CA GLU A 116 3.08 17.87 19.85
C GLU A 116 1.66 17.79 20.32
N ASN A 117 0.88 16.91 19.69
CA ASN A 117 -0.59 16.81 19.96
C ASN A 117 -1.44 18.06 19.65
N GLN A 118 -0.92 18.94 18.80
CA GLN A 118 -1.68 20.14 18.50
C GLN A 118 -2.94 19.71 17.79
N VAL A 119 -4.05 20.37 18.07
CA VAL A 119 -5.26 19.96 17.32
C VAL A 119 -5.61 21.05 16.35
N PHE A 120 -5.83 20.71 15.07
CA PHE A 120 -6.39 21.70 14.18
C PHE A 120 -7.83 21.35 13.90
N PRO A 121 -8.76 22.04 14.57
CA PRO A 121 -10.14 21.48 14.67
C PRO A 121 -10.96 21.71 13.38
N PRO A 122 -11.71 20.70 12.95
CA PRO A 122 -12.68 20.90 11.89
C PRO A 122 -13.53 22.15 12.19
N GLY A 123 -13.83 22.92 11.16
CA GLY A 123 -14.58 24.14 11.39
C GLY A 123 -13.72 25.39 11.52
N ARG A 124 -12.48 25.27 11.93
CA ARG A 124 -11.60 26.42 12.10
C ARG A 124 -11.10 26.88 10.74
N ASN A 125 -11.06 28.22 10.48
CA ASN A 125 -10.47 28.77 9.24
C ASN A 125 -8.93 28.74 9.32
N CYS A 126 -8.27 28.25 8.26
CA CYS A 126 -6.83 28.33 8.08
C CYS A 126 -6.64 29.05 6.72
N SER A 127 -5.39 29.36 6.37
CA SER A 127 -5.15 30.19 5.16
C SER A 127 -4.29 29.39 4.20
N ILE A 128 -4.46 29.68 2.91
CA ILE A 128 -3.65 29.10 1.87
C ILE A 128 -3.15 30.26 1.00
N ALA A 129 -2.10 30.02 0.24
CA ALA A 129 -1.48 31.09 -0.62
C ALA A 129 -0.66 30.42 -1.74
N GLY A 130 -0.65 31.02 -2.94
CA GLY A 130 0.14 30.39 -4.01
C GLY A 130 -0.05 31.21 -5.30
N TRP A 131 0.73 30.84 -6.33
CA TRP A 131 0.70 31.50 -7.62
C TRP A 131 0.05 30.61 -8.63
N GLY A 132 -0.73 29.65 -8.19
CA GLY A 132 -1.35 28.82 -9.20
C GLY A 132 -2.59 29.48 -9.82
N THR A 133 -3.35 28.67 -10.52
CA THR A 133 -4.51 29.17 -11.34
C THR A 133 -5.56 29.81 -10.43
N VAL A 134 -6.14 30.88 -10.99
CA VAL A 134 -7.06 31.73 -10.29
CA VAL A 134 -7.06 31.62 -10.19
C VAL A 134 -8.50 31.24 -10.50
N VAL A 135 -8.73 30.45 -11.59
CA VAL A 135 -9.97 29.72 -11.74
C VAL A 135 -9.57 28.37 -12.29
N TYR A 136 -10.42 27.38 -12.09
CA TYR A 136 -10.12 26.03 -12.63
C TYR A 136 -9.97 26.14 -14.15
N GLN A 137 -8.88 25.56 -14.65
CA GLN A 137 -8.40 25.57 -16.04
C GLN A 137 -8.18 27.02 -16.53
N GLY A 138 -7.91 27.90 -15.61
CA GLY A 138 -7.54 29.31 -15.89
C GLY A 138 -6.06 29.52 -16.03
N THR A 139 -5.60 30.71 -15.64
CA THR A 139 -4.20 31.07 -15.80
C THR A 139 -3.55 31.32 -14.45
N THR A 140 -2.20 31.25 -14.40
CA THR A 140 -1.49 31.44 -13.19
C THR A 140 -1.47 32.89 -12.71
N ALA A 141 -1.46 33.08 -11.39
CA ALA A 141 -1.39 34.46 -10.82
C ALA A 141 0.03 35.04 -11.08
N ASP A 142 0.09 36.37 -11.12
CA ASP A 142 1.33 37.14 -11.10
C ASP A 142 1.61 37.47 -9.59
N ILE A 143 0.67 38.18 -8.98
CA ILE A 143 0.71 38.49 -7.57
C ILE A 143 0.26 37.32 -6.71
N LEU A 144 1.07 36.99 -5.69
CA LEU A 144 0.69 35.92 -4.77
C LEU A 144 -0.77 36.12 -4.32
N GLN A 145 -1.56 35.02 -4.37
CA GLN A 145 -2.96 35.02 -3.94
C GLN A 145 -3.08 34.35 -2.57
N GLU A 146 -3.96 34.87 -1.73
CA GLU A 146 -4.27 34.25 -0.45
C GLU A 146 -5.76 34.02 -0.28
N ALA A 147 -6.16 33.07 0.60
CA ALA A 147 -7.60 32.90 0.88
C ALA A 147 -7.69 32.19 2.27
N ASP A 148 -8.86 32.18 2.86
CA ASP A 148 -9.02 31.47 4.13
C ASP A 148 -10.05 30.36 3.78
N VAL A 149 -9.83 29.17 4.34
CA VAL A 149 -10.70 28.03 4.15
C VAL A 149 -10.88 27.27 5.48
N PRO A 150 -12.07 26.72 5.73
CA PRO A 150 -12.30 26.02 6.99
C PRO A 150 -11.85 24.57 6.83
N LEU A 151 -11.29 24.01 7.89
CA LEU A 151 -10.98 22.58 7.94
C LEU A 151 -12.24 21.68 7.98
N LEU A 152 -12.16 20.48 7.39
CA LEU A 152 -13.19 19.46 7.57
C LEU A 152 -12.67 18.35 8.48
N SER A 153 -13.57 17.51 9.00
CA SER A 153 -13.10 16.26 9.56
C SER A 153 -12.74 15.29 8.40
N ASN A 154 -11.86 14.32 8.62
CA ASN A 154 -11.58 13.30 7.61
C ASN A 154 -12.81 12.45 7.25
N GLU A 155 -13.67 12.18 8.23
CA GLU A 155 -14.93 11.49 7.93
C GLU A 155 -15.74 12.27 6.89
N ARG A 156 -15.90 13.58 7.11
CA ARG A 156 -16.68 14.33 6.14
C ARG A 156 -15.98 14.41 4.77
N CYS A 157 -14.64 14.53 4.82
CA CYS A 157 -13.91 14.66 3.59
C CYS A 157 -14.05 13.36 2.81
N GLN A 158 -13.94 12.23 3.49
CA GLN A 158 -14.04 10.93 2.78
C GLN A 158 -15.45 10.77 2.14
N GLN A 159 -16.49 11.20 2.82
CA GLN A 159 -17.85 11.16 2.21
C GLN A 159 -17.95 12.03 1.00
N GLN A 160 -17.22 13.16 0.97
CA GLN A 160 -17.32 14.03 -0.19
C GLN A 160 -16.41 13.62 -1.31
N MET A 161 -15.45 12.76 -0.99
CA MET A 161 -14.43 12.30 -1.91
C MET A 161 -14.36 10.78 -1.98
N PRO A 162 -15.52 10.10 -2.21
CA PRO A 162 -15.56 8.65 -2.14
C PRO A 162 -14.72 8.03 -3.22
N GLU A 163 -14.33 8.80 -4.22
CA GLU A 163 -13.57 8.18 -5.35
C GLU A 163 -12.09 8.03 -4.92
N TYR A 164 -11.72 8.64 -3.80
CA TYR A 164 -10.34 8.75 -3.37
C TYR A 164 -10.16 8.07 -2.04
N ASN A 165 -8.93 7.69 -1.70
CA ASN A 165 -8.71 7.13 -0.38
C ASN A 165 -8.22 8.24 0.52
N ILE A 166 -9.06 8.80 1.39
CA ILE A 166 -8.68 9.91 2.28
C ILE A 166 -8.15 9.29 3.55
N THR A 167 -6.85 9.49 3.88
CA THR A 167 -6.18 8.67 4.90
C THR A 167 -5.91 9.57 6.13
N GLU A 168 -5.34 8.98 7.17
CA GLU A 168 -4.91 9.72 8.36
C GLU A 168 -3.76 10.67 8.03
N ASN A 169 -3.20 10.53 6.84
CA ASN A 169 -2.06 11.37 6.38
C ASN A 169 -2.48 12.58 5.59
N MET A 170 -3.80 12.88 5.64
CA MET A 170 -4.34 13.98 4.83
C MET A 170 -5.22 14.77 5.76
N ILE A 171 -5.39 16.03 5.40
CA ILE A 171 -6.29 16.94 6.14
C ILE A 171 -7.00 17.71 5.04
N CYS A 172 -8.31 17.96 5.19
CA CYS A 172 -9.04 18.60 4.08
C CYS A 172 -9.62 19.94 4.48
N ALA A 173 -9.80 20.81 3.51
CA ALA A 173 -10.31 22.19 3.79
C ALA A 173 -11.06 22.71 2.57
N GLY A 174 -12.21 23.29 2.83
CA GLY A 174 -12.97 23.99 1.76
C GLY A 174 -14.42 24.27 2.26
N TYR A 175 -15.17 25.04 1.49
CA TYR A 175 -16.51 25.48 1.85
C TYR A 175 -17.56 24.58 1.19
N GLU A 176 -18.63 24.36 1.91
CA GLU A 176 -19.77 23.63 1.36
C GLU A 176 -20.26 24.27 0.01
N GLU A 177 -20.23 25.59 -0.06
CA GLU A 177 -20.78 26.29 -1.22
C GLU A 177 -19.71 26.43 -2.29
N GLY A 178 -18.49 25.96 -1.97
CA GLY A 178 -17.38 26.01 -2.95
C GLY A 178 -16.87 27.43 -3.13
N GLY A 179 -16.16 27.67 -4.21
CA GLY A 179 -15.78 29.08 -4.55
C GLY A 179 -14.36 29.57 -4.20
N ILE A 180 -13.73 28.92 -3.21
CA ILE A 180 -12.46 29.34 -2.64
C ILE A 180 -11.67 28.07 -2.44
N ASP A 181 -10.47 27.98 -3.04
CA ASP A 181 -9.75 26.67 -2.95
C ASP A 181 -8.34 26.85 -3.49
N SER A 182 -7.48 25.87 -3.24
CA SER A 182 -6.17 25.80 -3.94
CA SER A 182 -6.18 25.83 -3.93
C SER A 182 -6.41 25.25 -5.32
N CYS A 183 -5.47 25.48 -6.25
CA CYS A 183 -5.70 24.97 -7.56
C CYS A 183 -4.35 24.58 -8.25
N GLN A 184 -4.33 24.24 -9.55
CA GLN A 184 -3.10 23.80 -10.21
C GLN A 184 -2.02 24.85 -10.10
N GLY A 185 -0.79 24.46 -9.72
CA GLY A 185 0.27 25.39 -9.50
C GLY A 185 0.40 25.86 -8.06
N ASP A 186 -0.60 25.56 -7.23
CA ASP A 186 -0.52 25.84 -5.81
C ASP A 186 0.06 24.64 -5.00
N SER A 187 0.19 23.48 -5.64
CA SER A 187 0.59 22.28 -4.94
CA SER A 187 0.55 22.30 -4.91
C SER A 187 1.94 22.49 -4.26
N GLY A 188 2.10 21.92 -3.07
CA GLY A 188 3.44 22.11 -2.42
C GLY A 188 3.38 23.27 -1.43
N GLY A 189 2.42 24.21 -1.63
CA GLY A 189 2.30 25.41 -0.75
C GLY A 189 1.67 25.03 0.62
N PRO A 190 1.70 25.97 1.59
CA PRO A 190 1.26 25.69 2.92
C PRO A 190 -0.29 25.77 3.09
N LEU A 191 -0.82 24.94 3.97
CA LEU A 191 -2.13 25.27 4.58
C LEU A 191 -1.67 25.71 5.98
N MET A 192 -1.92 26.93 6.33
CA MET A 192 -1.41 27.38 7.61
C MET A 192 -2.48 27.84 8.58
N CYS A 193 -2.29 27.47 9.86
CA CYS A 193 -3.33 27.68 10.90
C CYS A 193 -2.70 28.44 12.06
N GLN A 194 -3.46 29.39 12.61
CA GLN A 194 -3.00 30.28 13.67
C GLN A 194 -3.47 29.80 15.03
N GLU A 195 -2.57 29.71 15.99
CA GLU A 195 -3.03 29.47 17.36
C GLU A 195 -2.20 30.34 18.28
N ASN A 196 -2.89 31.10 19.14
CA ASN A 196 -2.23 31.86 20.22
C ASN A 196 -1.25 32.83 19.58
N ASN A 197 -1.69 33.48 18.49
CA ASN A 197 -0.89 34.48 17.78
C ASN A 197 0.31 33.93 17.03
N ARG A 198 0.35 32.64 16.72
CA ARG A 198 1.50 32.04 16.00
C ARG A 198 0.91 31.16 14.89
N TRP A 199 1.62 31.11 13.76
CA TRP A 199 1.24 30.24 12.60
C TRP A 199 1.96 28.95 12.54
N PHE A 200 1.22 27.90 12.21
CA PHE A 200 1.76 26.55 12.15
C PHE A 200 1.47 26.02 10.77
N LEU A 201 2.38 25.18 10.25
CA LEU A 201 2.22 24.51 9.01
C LEU A 201 1.36 23.27 9.28
N ALA A 202 0.04 23.38 9.05
CA ALA A 202 -0.88 22.25 9.21
C ALA A 202 -0.89 21.29 8.02
N GLY A 203 -0.70 21.75 6.77
CA GLY A 203 -0.84 20.85 5.67
C GLY A 203 -0.02 21.34 4.53
N VAL A 204 0.16 20.47 3.56
CA VAL A 204 0.82 20.81 2.28
C VAL A 204 -0.15 20.52 1.15
N THR A 205 -0.38 21.50 0.29
CA THR A 205 -1.31 21.39 -0.81
C THR A 205 -1.03 20.16 -1.70
N SER A 206 -2.02 19.25 -1.79
CA SER A 206 -1.80 17.96 -2.44
CA SER A 206 -1.78 17.97 -2.50
C SER A 206 -2.68 17.72 -3.66
N PHE A 207 -4.03 17.61 -3.46
CA PHE A 207 -4.83 17.32 -4.62
C PHE A 207 -6.29 17.67 -4.40
N GLY A 208 -7.07 17.64 -5.44
CA GLY A 208 -8.53 17.69 -5.22
C GLY A 208 -9.24 17.33 -6.50
N TYR A 209 -10.59 17.34 -6.48
CA TYR A 209 -11.24 17.10 -7.75
C TYR A 209 -11.61 18.44 -8.37
N GLU A 210 -11.02 18.73 -9.54
CA GLU A 210 -11.13 20.10 -10.11
C GLU A 210 -10.72 21.09 -9.03
N CYS A 211 -11.27 22.31 -9.01
CA CYS A 211 -10.98 23.26 -7.91
C CYS A 211 -12.26 24.04 -7.57
N ALA A 212 -12.46 24.36 -6.27
CA ALA A 212 -13.54 25.29 -5.83
C ALA A 212 -14.98 24.84 -6.07
N LEU A 213 -15.18 23.55 -6.36
CA LEU A 213 -16.56 23.03 -6.54
C LEU A 213 -17.26 22.94 -5.20
N PRO A 214 -18.61 23.05 -5.20
CA PRO A 214 -19.31 22.92 -3.92
C PRO A 214 -19.12 21.51 -3.39
N ASN A 215 -18.94 21.39 -2.06
CA ASN A 215 -18.84 20.01 -1.47
C ASN A 215 -17.72 19.14 -2.07
N ARG A 216 -16.64 19.77 -2.45
CA ARG A 216 -15.46 19.07 -2.92
C ARG A 216 -14.29 19.80 -2.30
N PRO A 217 -13.76 19.27 -1.22
CA PRO A 217 -12.76 20.07 -0.50
C PRO A 217 -11.37 19.84 -1.08
N GLY A 218 -10.48 20.81 -0.91
CA GLY A 218 -9.02 20.60 -1.21
C GLY A 218 -8.47 19.58 -0.22
N VAL A 219 -7.58 18.70 -0.72
CA VAL A 219 -6.88 17.78 0.19
C VAL A 219 -5.37 18.17 0.34
N TYR A 220 -4.84 18.10 1.59
CA TYR A 220 -3.51 18.55 1.93
C TYR A 220 -2.81 17.40 2.65
N ALA A 221 -1.48 17.30 2.53
CA ALA A 221 -0.79 16.32 3.32
C ALA A 221 -0.80 16.84 4.80
N ARG A 222 -1.13 15.96 5.76
CA ARG A 222 -1.26 16.43 7.20
C ARG A 222 0.10 16.45 7.85
N VAL A 223 0.63 17.64 8.04
CA VAL A 223 2.05 17.79 8.47
C VAL A 223 2.35 17.22 9.82
N SER A 224 1.39 17.25 10.73
CA SER A 224 1.66 16.65 12.05
C SER A 224 2.11 15.21 11.95
N ARG A 225 1.64 14.52 10.92
CA ARG A 225 2.00 13.08 10.71
C ARG A 225 3.51 12.89 10.28
N PHE A 226 4.09 13.98 9.85
CA PHE A 226 5.46 13.98 9.25
C PHE A 226 6.46 14.82 10.06
N THR A 227 6.05 15.34 11.21
CA THR A 227 6.93 16.25 11.94
CA THR A 227 6.92 16.23 11.99
C THR A 227 8.25 15.55 12.36
N GLU A 228 8.18 14.31 12.85
CA GLU A 228 9.39 13.57 13.23
C GLU A 228 10.33 13.44 12.00
N TRP A 229 9.77 13.07 10.84
CA TRP A 229 10.59 12.89 9.67
C TRP A 229 11.15 14.22 9.22
N ILE A 230 10.33 15.26 9.11
CA ILE A 230 10.86 16.58 8.71
C ILE A 230 12.01 17.04 9.66
N GLN A 231 11.76 16.86 10.95
CA GLN A 231 12.80 17.18 11.97
C GLN A 231 14.06 16.44 11.82
N SER A 232 14.00 15.23 11.28
CA SER A 232 15.19 14.41 11.12
C SER A 232 16.27 15.10 10.22
N PHE A 233 15.85 16.05 9.36
CA PHE A 233 16.78 16.72 8.45
C PHE A 233 17.43 17.97 9.06
N LEU A 234 16.87 18.48 10.16
CA LEU A 234 17.16 19.89 10.54
C LEU A 234 18.35 20.22 11.44
N HIS A 235 18.88 21.44 11.20
CA HIS A 235 19.98 22.09 11.93
C HIS A 235 19.57 23.50 12.35
N ILE B 1 4.00 -21.46 22.16
CA ILE B 1 4.92 -20.59 22.99
C ILE B 1 6.19 -21.42 23.30
N VAL B 2 7.34 -20.94 22.85
CA VAL B 2 8.63 -21.59 23.02
C VAL B 2 9.20 -21.02 24.34
N GLY B 3 9.74 -21.91 25.21
CA GLY B 3 10.53 -21.39 26.35
C GLY B 3 9.69 -20.80 27.46
N GLY B 4 8.41 -21.15 27.45
CA GLY B 4 7.46 -20.60 28.39
C GLY B 4 7.26 -21.50 29.60
N SER B 5 6.23 -21.21 30.36
CA SER B 5 5.88 -22.11 31.51
C SER B 5 4.36 -22.36 31.51
N ASP B 6 3.92 -23.40 32.25
CA ASP B 6 2.47 -23.67 32.38
C ASP B 6 1.84 -22.44 33.10
N ALA B 7 0.75 -21.87 32.54
CA ALA B 7 -0.09 -20.94 33.26
C ALA B 7 -0.91 -21.62 34.39
N LYS B 8 -1.25 -20.84 35.42
CA LYS B 8 -2.12 -21.34 36.46
C LYS B 8 -3.54 -21.16 35.98
N GLU B 9 -4.47 -22.02 36.43
CA GLU B 9 -5.87 -21.81 36.09
C GLU B 9 -6.25 -20.43 36.50
N GLY B 10 -6.87 -19.71 35.58
CA GLY B 10 -7.39 -18.41 35.98
C GLY B 10 -6.43 -17.30 35.72
N ALA B 11 -5.19 -17.59 35.33
CA ALA B 11 -4.19 -16.52 35.22
C ALA B 11 -4.53 -15.48 34.18
N TRP B 12 -5.03 -15.94 33.05
CA TRP B 12 -5.24 -15.04 31.92
C TRP B 12 -6.64 -15.18 31.43
N PRO B 13 -7.60 -14.65 32.17
CA PRO B 13 -8.99 -15.07 31.88
C PRO B 13 -9.61 -14.52 30.60
N TRP B 14 -8.88 -13.62 29.92
CA TRP B 14 -9.31 -13.10 28.63
C TRP B 14 -8.81 -13.96 27.47
N VAL B 15 -7.89 -14.87 27.74
CA VAL B 15 -7.28 -15.65 26.68
C VAL B 15 -8.32 -16.67 26.19
N VAL B 16 -8.53 -16.76 24.87
CA VAL B 16 -9.52 -17.68 24.27
C VAL B 16 -8.85 -18.57 23.26
N GLY B 17 -9.28 -19.82 23.18
CA GLY B 17 -8.78 -20.69 22.08
C GLY B 17 -9.75 -20.79 20.95
N LEU B 18 -9.26 -20.70 19.72
CA LEU B 18 -10.15 -20.71 18.54
C LEU B 18 -9.97 -22.03 17.78
N TYR B 19 -11.09 -22.71 17.58
CA TYR B 19 -11.03 -23.98 16.97
C TYR B 19 -11.71 -23.89 15.64
N TYR B 20 -11.13 -24.61 14.69
CA TYR B 20 -11.72 -24.71 13.36
C TYR B 20 -11.50 -26.13 12.95
N ASP B 21 -12.56 -26.80 12.48
CA ASP B 21 -12.51 -28.21 12.12
C ASP B 21 -11.86 -29.05 13.23
N ASP B 22 -12.27 -28.76 14.47
CA ASP B 22 -11.81 -29.44 15.67
C ASP B 22 -10.32 -29.35 16.02
N ARG B 23 -9.58 -28.40 15.48
CA ARG B 23 -8.18 -28.20 15.86
C ARG B 23 -8.08 -26.79 16.37
N LEU B 24 -7.38 -26.58 17.49
CA LEU B 24 -7.17 -25.21 17.96
C LEU B 24 -6.13 -24.56 17.03
N LEU B 25 -6.52 -23.58 16.22
CA LEU B 25 -5.65 -22.99 15.20
C LEU B 25 -5.00 -21.64 15.67
N CYS B 26 -5.67 -20.94 16.57
CA CYS B 26 -5.26 -19.57 16.91
C CYS B 26 -5.79 -19.22 18.30
N GLY B 27 -5.17 -18.20 18.88
CA GLY B 27 -5.63 -17.54 20.11
C GLY B 27 -6.52 -16.34 19.79
N ALA B 28 -7.11 -15.79 20.85
CA ALA B 28 -7.87 -14.58 20.75
C ALA B 28 -8.01 -13.97 22.16
N SER B 29 -8.52 -12.73 22.24
CA SER B 29 -8.66 -12.12 23.58
C SER B 29 -10.11 -11.61 23.70
N LEU B 30 -10.72 -11.89 24.84
CA LEU B 30 -12.06 -11.39 25.07
C LEU B 30 -12.02 -9.90 25.42
N VAL B 31 -12.84 -9.02 24.77
CA VAL B 31 -12.80 -7.59 25.07
C VAL B 31 -14.15 -7.02 25.51
N SER B 32 -15.20 -7.82 25.43
CA SER B 32 -16.59 -7.49 25.99
C SER B 32 -17.34 -8.79 26.17
N SER B 33 -18.61 -8.74 26.57
CA SER B 33 -19.36 -9.97 26.71
C SER B 33 -19.70 -10.65 25.39
N ASP B 34 -19.40 -9.98 24.26
CA ASP B 34 -19.85 -10.48 22.93
C ASP B 34 -18.77 -10.60 21.87
N TRP B 35 -17.59 -9.98 22.11
CA TRP B 35 -16.57 -9.77 21.05
C TRP B 35 -15.18 -10.19 21.45
N LEU B 36 -14.48 -10.79 20.50
CA LEU B 36 -13.05 -11.20 20.68
C LEU B 36 -12.25 -10.39 19.67
N VAL B 37 -10.98 -10.18 19.98
CA VAL B 37 -9.97 -9.59 19.01
C VAL B 37 -8.97 -10.72 18.77
N SER B 38 -8.70 -11.00 17.46
CA SER B 38 -7.70 -11.99 17.10
C SER B 38 -6.92 -11.41 15.88
N ALA B 39 -6.21 -12.24 15.13
CA ALA B 39 -5.41 -11.82 13.97
C ALA B 39 -6.21 -12.03 12.74
N ALA B 40 -6.14 -11.08 11.79
CA ALA B 40 -6.78 -11.35 10.50
C ALA B 40 -6.29 -12.58 9.74
N HIS B 41 -4.98 -12.85 9.78
CA HIS B 41 -4.47 -13.92 8.94
C HIS B 41 -5.02 -15.24 9.41
N CYS B 42 -5.49 -15.27 10.64
CA CYS B 42 -6.07 -16.54 11.19
C CYS B 42 -7.37 -16.95 10.44
N VAL B 43 -8.15 -15.96 10.02
CA VAL B 43 -9.60 -16.13 9.63
C VAL B 43 -9.84 -15.61 8.22
N TYR B 44 -8.85 -14.92 7.68
CA TYR B 44 -8.83 -14.43 6.30
C TYR B 44 -9.01 -15.59 5.30
N GLY B 45 -10.00 -15.46 4.41
CA GLY B 45 -10.32 -16.53 3.46
C GLY B 45 -11.33 -17.54 4.04
N ARG B 46 -11.46 -17.68 5.37
CA ARG B 46 -12.45 -18.61 5.89
C ARG B 46 -13.28 -17.96 6.99
N ASN B 47 -13.80 -16.76 6.72
CA ASN B 47 -14.54 -16.00 7.76
C ASN B 47 -15.98 -15.71 7.49
N LEU B 48 -16.43 -16.03 6.29
CA LEU B 48 -17.81 -15.65 5.99
C LEU B 48 -18.77 -16.82 6.11
N GLU B 49 -18.24 -18.05 6.12
CA GLU B 49 -19.05 -19.23 6.40
C GLU B 49 -19.37 -19.27 7.88
N PRO B 50 -20.65 -19.01 8.22
CA PRO B 50 -21.09 -18.80 9.60
C PRO B 50 -20.81 -20.05 10.46
N SER B 51 -20.41 -19.82 11.70
CA SER B 51 -20.36 -20.92 12.65
C SER B 51 -19.39 -22.13 12.32
N LYS B 52 -18.28 -21.88 11.65
CA LYS B 52 -17.27 -22.91 11.45
C LYS B 52 -16.17 -22.75 12.54
N TRP B 53 -16.17 -21.61 13.18
CA TRP B 53 -15.29 -21.37 14.29
C TRP B 53 -16.00 -21.44 15.60
N THR B 54 -15.33 -22.05 16.59
CA THR B 54 -15.79 -22.13 17.95
C THR B 54 -14.72 -21.50 18.84
N ALA B 55 -15.16 -20.62 19.74
CA ALA B 55 -14.32 -20.08 20.76
C ALA B 55 -14.52 -20.91 22.02
N ILE B 56 -13.39 -21.30 22.66
CA ILE B 56 -13.52 -21.89 24.02
C ILE B 56 -12.96 -20.90 25.01
N LEU B 57 -13.83 -20.46 25.94
CA LEU B 57 -13.44 -19.48 26.93
C LEU B 57 -13.27 -20.18 28.23
N GLY B 58 -12.42 -19.62 29.13
CA GLY B 58 -12.14 -20.30 30.41
C GLY B 58 -11.30 -21.56 30.16
N LEU B 59 -10.62 -21.67 29.02
CA LEU B 59 -9.82 -22.87 28.75
C LEU B 59 -8.48 -22.82 29.49
N HIS B 60 -8.08 -23.95 30.08
CA HIS B 60 -6.74 -24.06 30.61
C HIS B 60 -5.96 -25.19 29.94
N MET B 61 -6.51 -26.38 29.92
CA MET B 61 -5.80 -27.52 29.35
C MET B 61 -6.67 -28.18 28.26
N LYS B 62 -6.10 -28.31 27.04
CA LYS B 62 -6.88 -28.88 25.93
C LYS B 62 -7.45 -30.25 26.36
N SER B 63 -6.67 -31.02 27.12
CA SER B 63 -7.14 -32.36 27.51
C SER B 63 -8.19 -32.40 28.65
N ASN B 64 -8.59 -31.22 29.17
CA ASN B 64 -9.70 -30.99 30.16
C ASN B 64 -10.62 -29.85 29.53
N LEU B 65 -11.12 -30.14 28.33
CA LEU B 65 -11.77 -29.13 27.48
C LEU B 65 -13.16 -28.89 28.06
N THR B 66 -13.68 -29.85 28.82
CA THR B 66 -15.02 -29.70 29.38
C THR B 66 -15.07 -29.83 30.93
N SER B 67 -14.04 -29.34 31.62
CA SER B 67 -14.15 -28.86 33.02
C SER B 67 -15.25 -27.83 33.15
N PRO B 68 -15.62 -27.51 34.40
CA PRO B 68 -16.78 -26.70 34.68
C PRO B 68 -16.53 -25.23 34.46
N GLN B 69 -15.31 -24.77 34.40
CA GLN B 69 -15.23 -23.33 34.07
C GLN B 69 -15.12 -22.92 32.58
N THR B 70 -15.05 -23.90 31.67
CA THR B 70 -14.86 -23.67 30.28
CA THR B 70 -14.88 -23.62 30.22
C THR B 70 -16.23 -23.56 29.58
N VAL B 71 -16.35 -22.66 28.61
CA VAL B 71 -17.64 -22.31 27.99
C VAL B 71 -17.34 -22.24 26.48
N PRO B 72 -18.05 -23.01 25.67
CA PRO B 72 -17.87 -22.88 24.21
C PRO B 72 -18.89 -21.91 23.59
N ARG B 73 -18.48 -21.15 22.61
CA ARG B 73 -19.39 -20.30 21.83
C ARG B 73 -19.08 -20.42 20.34
N LEU B 74 -20.10 -20.60 19.53
CA LEU B 74 -19.89 -20.50 18.08
C LEU B 74 -19.60 -19.02 17.73
N ILE B 75 -18.88 -18.78 16.66
CA ILE B 75 -18.61 -17.43 16.15
C ILE B 75 -19.57 -17.19 14.99
N ASP B 76 -20.38 -16.20 15.10
CA ASP B 76 -21.32 -15.98 14.02
C ASP B 76 -21.02 -14.76 13.14
N GLU B 77 -19.96 -14.02 13.42
CA GLU B 77 -19.61 -12.85 12.56
C GLU B 77 -18.15 -12.58 12.75
N ILE B 78 -17.43 -12.38 11.65
CA ILE B 78 -15.98 -12.10 11.73
C ILE B 78 -15.70 -10.91 10.85
N VAL B 79 -15.06 -9.90 11.38
CA VAL B 79 -14.82 -8.70 10.58
C VAL B 79 -13.30 -8.44 10.59
N ILE B 80 -12.66 -8.57 9.42
CA ILE B 80 -11.19 -8.31 9.40
C ILE B 80 -10.99 -6.77 9.32
N ASN B 81 -9.86 -6.29 9.73
CA ASN B 81 -9.61 -4.85 9.72
C ASN B 81 -9.69 -4.42 8.28
N PRO B 82 -10.35 -3.31 8.01
CA PRO B 82 -10.50 -2.91 6.56
C PRO B 82 -9.18 -2.60 5.85
N HIS B 83 -8.09 -2.42 6.60
CA HIS B 83 -6.77 -1.99 6.02
C HIS B 83 -5.82 -3.18 5.96
N TYR B 84 -6.31 -4.39 6.32
CA TYR B 84 -5.45 -5.57 6.36
C TYR B 84 -4.78 -5.82 4.99
N ASN B 85 -3.45 -5.95 4.99
CA ASN B 85 -2.75 -6.21 3.75
C ASN B 85 -2.09 -7.52 4.02
N ARG B 86 -2.59 -8.55 3.36
CA ARG B 86 -2.06 -9.88 3.64
C ARG B 86 -0.53 -10.01 3.31
N ARG B 87 -0.16 -9.57 2.13
CA ARG B 87 1.16 -9.88 1.65
C ARG B 87 2.20 -9.16 2.50
N ARG B 88 1.81 -7.99 3.02
CA ARG B 88 2.77 -7.17 3.79
C ARG B 88 2.58 -7.40 5.27
N LYS B 89 1.56 -8.19 5.61
CA LYS B 89 1.24 -8.51 6.99
C LYS B 89 0.84 -7.28 7.85
N ASP B 90 0.42 -6.19 7.23
CA ASP B 90 0.11 -4.99 7.95
C ASP B 90 -1.38 -4.98 8.37
N ASN B 91 -1.66 -4.39 9.52
CA ASN B 91 -3.00 -4.32 10.08
C ASN B 91 -3.63 -5.70 10.28
N ASP B 92 -2.88 -6.60 10.91
CA ASP B 92 -3.25 -8.01 11.01
C ASP B 92 -4.11 -8.19 12.26
N ILE B 93 -5.40 -7.79 12.18
CA ILE B 93 -6.26 -7.81 13.32
C ILE B 93 -7.69 -7.99 12.85
N ALA B 94 -8.51 -8.70 13.68
CA ALA B 94 -9.92 -9.00 13.32
C ALA B 94 -10.81 -9.07 14.50
N MET B 95 -12.10 -8.74 14.33
CA MET B 95 -13.12 -8.85 15.41
C MET B 95 -13.92 -10.11 15.17
N MET B 96 -14.26 -10.81 16.25
CA MET B 96 -15.07 -12.04 16.13
C MET B 96 -16.17 -12.01 17.14
N HIS B 97 -17.40 -12.26 16.67
CA HIS B 97 -18.56 -12.03 17.52
C HIS B 97 -19.07 -13.37 18.09
N LEU B 98 -19.28 -13.43 19.41
CA LEU B 98 -19.79 -14.67 20.01
C LEU B 98 -21.31 -14.69 19.75
N GLU B 99 -21.81 -15.88 19.37
CA GLU B 99 -23.20 -16.01 18.96
C GLU B 99 -24.10 -15.65 20.11
N PHE B 100 -23.71 -16.07 21.31
CA PHE B 100 -24.43 -15.70 22.54
C PHE B 100 -23.45 -15.05 23.51
N LYS B 101 -23.92 -14.13 24.33
CA LYS B 101 -22.97 -13.51 25.25
C LYS B 101 -22.41 -14.48 26.34
N VAL B 102 -21.30 -14.09 26.92
CA VAL B 102 -20.75 -14.85 28.02
C VAL B 102 -20.91 -14.07 29.28
N ASN B 103 -21.10 -14.77 30.38
CA ASN B 103 -21.14 -14.14 31.69
C ASN B 103 -19.75 -14.24 32.29
N TYR B 104 -19.28 -13.19 32.92
CA TYR B 104 -17.90 -13.24 33.39
C TYR B 104 -17.78 -14.04 34.70
N THR B 105 -16.61 -14.63 34.97
CA THR B 105 -16.36 -15.45 36.14
C THR B 105 -14.87 -15.18 36.49
N ASP B 106 -14.35 -15.93 37.46
CA ASP B 106 -12.92 -15.89 37.74
C ASP B 106 -12.13 -16.41 36.54
N TYR B 107 -12.76 -17.11 35.61
CA TYR B 107 -12.00 -17.73 34.54
C TYR B 107 -12.26 -17.08 33.21
N ILE B 108 -13.19 -16.14 33.19
CA ILE B 108 -13.64 -15.51 31.93
C ILE B 108 -13.85 -14.02 32.22
N GLN B 109 -12.98 -13.19 31.66
CA GLN B 109 -12.96 -11.76 31.94
C GLN B 109 -12.41 -11.06 30.71
N PRO B 110 -12.89 -9.83 30.44
CA PRO B 110 -12.35 -9.09 29.29
C PRO B 110 -11.06 -8.40 29.65
N ILE B 111 -10.21 -8.16 28.66
CA ILE B 111 -8.98 -7.35 28.90
C ILE B 111 -9.21 -5.92 28.43
N SER B 112 -8.65 -4.91 29.15
CA SER B 112 -8.81 -3.50 28.82
C SER B 112 -8.04 -3.16 27.55
N LEU B 113 -8.58 -2.29 26.71
CA LEU B 113 -7.79 -1.82 25.54
C LEU B 113 -6.89 -0.64 25.94
N PRO B 114 -5.76 -0.42 25.26
CA PRO B 114 -4.96 0.78 25.54
C PRO B 114 -5.67 2.01 24.97
N GLU B 115 -5.37 3.20 25.44
CA GLU B 115 -5.75 4.41 24.68
C GLU B 115 -4.96 4.52 23.34
N GLU B 116 -5.57 5.14 22.33
CA GLU B 116 -4.88 5.48 21.08
C GLU B 116 -3.55 6.26 21.40
N ASN B 117 -3.56 7.02 22.50
CA ASN B 117 -2.37 7.57 23.23
C ASN B 117 -1.23 6.61 23.73
N GLN B 118 -1.58 5.75 24.73
CA GLN B 118 -0.67 4.94 25.59
C GLN B 118 0.65 4.49 24.99
N VAL B 119 1.70 4.69 25.78
CA VAL B 119 3.05 4.28 25.41
C VAL B 119 3.38 3.00 26.15
N PHE B 120 3.84 1.99 25.43
CA PHE B 120 4.38 0.84 26.10
C PHE B 120 5.89 0.92 25.78
N PRO B 121 6.72 1.39 26.73
CA PRO B 121 8.15 1.63 26.28
C PRO B 121 9.00 0.38 25.90
N PRO B 122 9.93 0.54 24.91
CA PRO B 122 10.95 -0.49 24.69
C PRO B 122 11.61 -0.89 26.02
N GLY B 123 11.84 -2.17 26.19
CA GLY B 123 12.46 -2.62 27.42
C GLY B 123 11.54 -3.08 28.52
N ARG B 124 10.30 -2.62 28.56
CA ARG B 124 9.30 -3.11 29.52
C ARG B 124 9.04 -4.62 29.21
N ASN B 125 8.93 -5.48 30.22
CA ASN B 125 8.47 -6.87 29.98
C ASN B 125 6.96 -6.89 29.84
N CYS B 126 6.47 -7.63 28.86
CA CYS B 126 5.08 -7.90 28.69
C CYS B 126 4.91 -9.43 28.66
N SER B 127 3.68 -9.91 28.59
CA SER B 127 3.44 -11.38 28.73
C SER B 127 2.69 -11.81 27.49
N ILE B 128 2.99 -13.02 27.06
CA ILE B 128 2.29 -13.66 25.96
C ILE B 128 1.77 -15.03 26.47
N ALA B 129 0.75 -15.59 25.81
CA ALA B 129 0.21 -16.93 26.22
C ALA B 129 -0.44 -17.62 25.06
N GLY B 130 -0.40 -18.93 25.02
CA GLY B 130 -1.22 -19.59 23.98
C GLY B 130 -0.93 -21.10 24.00
N TRP B 131 -1.54 -21.83 23.11
CA TRP B 131 -1.46 -23.29 23.11
C TRP B 131 -0.64 -23.76 21.91
N GLY B 132 0.09 -22.85 21.24
CA GLY B 132 0.76 -23.19 19.97
C GLY B 132 2.02 -24.05 20.23
N THR B 133 2.83 -24.26 19.19
CA THR B 133 4.00 -25.14 19.32
C THR B 133 4.98 -24.66 20.36
N VAL B 134 5.62 -25.65 21.02
CA VAL B 134 6.51 -25.30 22.13
C VAL B 134 7.97 -25.35 21.69
N VAL B 135 8.27 -25.86 20.48
CA VAL B 135 9.57 -25.54 19.84
C VAL B 135 9.23 -25.39 18.37
N TYR B 136 10.11 -24.69 17.64
CA TYR B 136 9.81 -24.48 16.22
C TYR B 136 9.67 -25.78 15.43
N GLN B 137 8.57 -25.93 14.71
CA GLN B 137 8.24 -27.15 13.92
C GLN B 137 8.00 -28.39 14.83
N GLY B 138 7.76 -28.15 16.12
CA GLY B 138 7.52 -29.27 17.04
C GLY B 138 6.06 -29.37 17.39
N THR B 139 5.81 -29.92 18.55
CA THR B 139 4.42 -30.25 18.92
C THR B 139 3.69 -29.13 19.70
N THR B 140 2.34 -29.20 19.79
CA THR B 140 1.52 -28.17 20.40
C THR B 140 1.39 -28.43 21.84
N ALA B 141 1.19 -27.35 22.60
CA ALA B 141 0.94 -27.47 24.05
C ALA B 141 -0.41 -28.09 24.36
N ASP B 142 -0.56 -28.68 25.57
CA ASP B 142 -1.85 -29.16 26.13
C ASP B 142 -2.33 -28.05 27.13
N ILE B 143 -1.50 -27.80 28.11
CA ILE B 143 -1.69 -26.77 29.13
C ILE B 143 -1.31 -25.42 28.56
N LEU B 144 -2.14 -24.43 28.80
CA LEU B 144 -1.84 -23.05 28.29
C LEU B 144 -0.40 -22.62 28.76
N GLN B 145 0.40 -22.16 27.79
CA GLN B 145 1.75 -21.66 28.05
C GLN B 145 1.76 -20.13 28.18
N GLU B 146 2.57 -19.64 29.12
CA GLU B 146 2.80 -18.18 29.25
C GLU B 146 4.29 -17.87 29.21
N ALA B 147 4.68 -16.62 28.91
CA ALA B 147 6.10 -16.29 28.97
C ALA B 147 6.16 -14.78 29.07
N ASP B 148 7.29 -14.26 29.54
CA ASP B 148 7.45 -12.78 29.53
C ASP B 148 8.50 -12.46 28.53
N VAL B 149 8.30 -11.37 27.81
CA VAL B 149 9.18 -10.98 26.67
C VAL B 149 9.34 -9.45 26.73
N PRO B 150 10.57 -8.94 26.47
CA PRO B 150 10.70 -7.48 26.53
C PRO B 150 10.34 -6.84 25.20
N LEU B 151 9.81 -5.63 25.27
CA LEU B 151 9.40 -4.87 24.07
C LEU B 151 10.61 -4.27 23.40
N LEU B 152 10.53 -4.18 22.07
CA LEU B 152 11.58 -3.48 21.31
C LEU B 152 11.07 -2.18 20.80
N SER B 153 11.98 -1.28 20.44
CA SER B 153 11.58 -0.13 19.63
C SER B 153 11.32 -0.64 18.19
N ASN B 154 10.43 0.09 17.48
CA ASN B 154 10.16 -0.26 16.06
C ASN B 154 11.40 -0.13 15.22
N GLU B 155 12.24 0.81 15.61
CA GLU B 155 13.50 1.05 14.82
C GLU B 155 14.44 -0.17 14.95
N ARG B 156 14.57 -0.67 16.16
CA ARG B 156 15.42 -1.90 16.32
C ARG B 156 14.76 -3.09 15.67
N CYS B 157 13.40 -3.18 15.76
CA CYS B 157 12.73 -4.31 15.24
C CYS B 157 12.93 -4.31 13.70
N GLN B 158 12.83 -3.17 13.06
CA GLN B 158 12.97 -3.15 11.63
C GLN B 158 14.43 -3.52 11.23
N GLN B 159 15.38 -3.15 12.07
CA GLN B 159 16.78 -3.49 11.78
C GLN B 159 17.00 -5.03 11.85
N GLN B 160 16.27 -5.67 12.77
CA GLN B 160 16.38 -7.17 12.93
C GLN B 160 15.51 -7.96 11.95
N MET B 161 14.56 -7.26 11.32
CA MET B 161 13.67 -7.83 10.32
C MET B 161 13.65 -7.09 9.02
N PRO B 162 14.82 -6.99 8.36
CA PRO B 162 14.92 -6.06 7.27
C PRO B 162 14.24 -6.64 6.05
N GLU B 163 13.91 -7.96 6.07
CA GLU B 163 13.14 -8.62 4.98
C GLU B 163 11.66 -8.22 5.03
N TYR B 164 11.22 -7.60 6.15
CA TYR B 164 9.78 -7.40 6.38
C TYR B 164 9.49 -5.91 6.48
N ASN B 165 8.24 -5.52 6.26
CA ASN B 165 7.92 -4.15 6.46
C ASN B 165 7.36 -3.95 7.84
N ILE B 166 8.19 -3.45 8.76
CA ILE B 166 7.76 -3.23 10.12
C ILE B 166 7.16 -1.88 10.21
N THR B 167 5.82 -1.76 10.51
CA THR B 167 5.19 -0.49 10.35
C THR B 167 4.78 0.06 11.71
N GLU B 168 4.25 1.25 11.70
CA GLU B 168 3.69 1.81 12.91
C GLU B 168 2.47 1.05 13.49
N ASN B 169 1.92 0.13 12.72
CA ASN B 169 0.81 -0.75 13.16
C ASN B 169 1.26 -2.03 13.84
N MET B 170 2.56 -2.09 14.13
CA MET B 170 3.14 -3.29 14.71
C MET B 170 3.92 -2.91 15.96
N ILE B 171 4.15 -3.91 16.82
CA ILE B 171 4.92 -3.73 18.05
C ILE B 171 5.67 -5.07 18.21
N CYS B 172 6.96 -5.02 18.59
CA CYS B 172 7.79 -6.21 18.54
C CYS B 172 8.28 -6.53 19.91
N ALA B 173 8.50 -7.84 20.14
CA ALA B 173 8.90 -8.25 21.49
C ALA B 173 9.79 -9.48 21.39
N GLY B 174 10.90 -9.53 22.12
CA GLY B 174 11.77 -10.70 21.98
C GLY B 174 13.08 -10.47 22.72
N TYR B 175 13.82 -11.55 22.99
CA TYR B 175 15.15 -11.40 23.65
C TYR B 175 16.26 -11.39 22.60
N GLU B 176 17.30 -10.63 22.86
CA GLU B 176 18.49 -10.64 22.03
C GLU B 176 19.04 -12.06 21.88
N GLU B 177 19.02 -12.79 22.99
CA GLU B 177 19.56 -14.16 22.95
C GLU B 177 18.54 -15.23 22.48
N GLY B 178 17.30 -14.80 22.22
CA GLY B 178 16.28 -15.69 21.69
C GLY B 178 15.75 -16.64 22.75
N GLY B 179 15.17 -17.78 22.33
CA GLY B 179 14.76 -18.83 23.32
C GLY B 179 13.35 -18.76 23.85
N ILE B 180 12.74 -17.57 23.81
CA ILE B 180 11.42 -17.39 24.36
C ILE B 180 10.58 -16.58 23.32
N ASP B 181 9.46 -17.15 22.85
CA ASP B 181 8.74 -16.45 21.76
C ASP B 181 7.40 -17.05 21.57
N SER B 182 6.52 -16.32 20.86
CA SER B 182 5.28 -16.94 20.36
CA SER B 182 5.29 -16.95 20.37
C SER B 182 5.63 -17.82 19.14
N CYS B 183 4.74 -18.76 18.77
CA CYS B 183 5.09 -19.66 17.69
C CYS B 183 3.81 -20.11 16.99
N GLN B 184 3.88 -21.14 16.14
CA GLN B 184 2.74 -21.53 15.30
CA GLN B 184 2.73 -21.56 15.30
C GLN B 184 1.55 -22.02 16.17
N GLY B 185 0.34 -21.46 15.97
CA GLY B 185 -0.84 -21.80 16.79
C GLY B 185 -1.05 -20.76 17.87
N ASP B 186 -0.10 -19.83 18.08
CA ASP B 186 -0.27 -18.77 19.13
C ASP B 186 -0.80 -17.49 18.47
N SER B 187 -0.76 -17.38 17.16
CA SER B 187 -1.27 -16.18 16.47
CA SER B 187 -1.18 -16.10 16.58
C SER B 187 -2.67 -15.76 16.90
N GLY B 188 -2.93 -14.46 17.01
CA GLY B 188 -4.25 -14.07 17.35
C GLY B 188 -4.34 -13.86 18.87
N GLY B 189 -3.42 -14.48 19.67
CA GLY B 189 -3.46 -14.35 21.15
C GLY B 189 -2.84 -13.03 21.61
N PRO B 190 -2.92 -12.69 22.91
CA PRO B 190 -2.58 -11.32 23.36
C PRO B 190 -1.06 -11.19 23.65
N LEU B 191 -0.57 -9.97 23.39
CA LEU B 191 0.64 -9.45 24.09
C LEU B 191 0.08 -8.51 25.13
N MET B 192 0.30 -8.84 26.38
CA MET B 192 -0.36 -8.01 27.40
C MET B 192 0.62 -7.32 28.33
N CYS B 193 0.34 -6.05 28.70
CA CYS B 193 1.33 -5.29 29.46
C CYS B 193 0.62 -4.69 30.63
N GLN B 194 1.23 -4.77 31.79
CA GLN B 194 0.53 -4.32 33.01
C GLN B 194 1.03 -2.92 33.33
N GLU B 195 0.12 -1.98 33.57
CA GLU B 195 0.47 -0.66 34.11
C GLU B 195 -0.51 -0.37 35.25
N ASN B 196 0.04 0.06 36.37
CA ASN B 196 -0.80 0.39 37.53
C ASN B 196 -1.73 -0.72 37.95
N ASN B 197 -1.23 -1.95 38.09
CA ASN B 197 -2.14 -3.05 38.45
C ASN B 197 -3.26 -3.36 37.42
N ARG B 198 -3.16 -2.84 36.18
CA ARG B 198 -4.16 -3.19 35.19
C ARG B 198 -3.46 -3.82 34.00
N TRP B 199 -4.02 -4.88 33.47
CA TRP B 199 -3.47 -5.43 32.24
C TRP B 199 -4.10 -4.82 31.01
N PHE B 200 -3.27 -4.50 29.99
CA PHE B 200 -3.74 -3.98 28.74
C PHE B 200 -3.37 -4.89 27.58
N LEU B 201 -4.22 -4.88 26.56
CA LEU B 201 -3.93 -5.67 25.35
C LEU B 201 -3.07 -4.74 24.50
N ALA B 202 -1.73 -4.91 24.57
CA ALA B 202 -0.88 -4.09 23.79
C ALA B 202 -0.72 -4.59 22.33
N GLY B 203 -0.83 -5.90 22.13
CA GLY B 203 -0.59 -6.45 20.82
C GLY B 203 -1.36 -7.71 20.60
N VAL B 204 -1.39 -8.12 19.34
CA VAL B 204 -2.03 -9.38 18.93
C VAL B 204 -0.97 -10.16 18.16
N THR B 205 -0.65 -11.36 18.61
CA THR B 205 0.31 -12.23 17.96
C THR B 205 0.14 -12.31 16.45
N SER B 206 1.18 -11.82 15.75
CA SER B 206 1.04 -11.73 14.30
C SER B 206 2.02 -12.59 13.50
N PHE B 207 3.33 -12.29 13.50
CA PHE B 207 4.22 -13.13 12.73
C PHE B 207 5.66 -13.06 13.24
N GLY B 208 6.50 -13.94 12.73
CA GLY B 208 7.93 -13.89 13.08
C GLY B 208 8.72 -14.61 11.99
N TYR B 209 10.06 -14.49 12.02
CA TYR B 209 10.82 -15.40 11.18
C TYR B 209 11.14 -16.62 12.05
N GLU B 210 10.60 -17.78 11.72
CA GLU B 210 10.71 -18.95 12.63
C GLU B 210 10.25 -18.56 14.03
N CYS B 211 10.82 -19.13 15.09
CA CYS B 211 10.39 -18.74 16.45
C CYS B 211 11.64 -18.81 17.26
N ALA B 212 11.74 -17.92 18.23
CA ALA B 212 12.70 -18.03 19.33
C ALA B 212 14.17 -17.93 18.86
N LEU B 213 14.39 -17.50 17.61
CA LEU B 213 15.82 -17.27 17.15
C LEU B 213 16.41 -16.04 17.82
N PRO B 214 17.76 -16.05 18.03
CA PRO B 214 18.47 -14.91 18.65
C PRO B 214 18.29 -13.73 17.70
N ASN B 215 18.00 -12.53 18.24
CA ASN B 215 17.88 -11.32 17.41
C ASN B 215 16.79 -11.40 16.32
N ARG B 216 15.73 -12.19 16.54
CA ARG B 216 14.61 -12.25 15.62
C ARG B 216 13.38 -12.12 16.46
N PRO B 217 12.88 -10.86 16.64
CA PRO B 217 11.80 -10.68 17.61
C PRO B 217 10.46 -11.10 17.02
N GLY B 218 9.54 -11.44 17.90
CA GLY B 218 8.12 -11.64 17.43
C GLY B 218 7.47 -10.31 17.09
N VAL B 219 6.58 -10.34 16.11
CA VAL B 219 5.86 -9.11 15.66
C VAL B 219 4.37 -9.32 16.00
N TYR B 220 3.76 -8.26 16.49
CA TYR B 220 2.37 -8.28 17.02
C TYR B 220 1.69 -7.06 16.38
N ALA B 221 0.39 -7.17 16.07
CA ALA B 221 -0.38 -5.96 15.70
C ALA B 221 -0.49 -5.06 16.92
N ARG B 222 -0.20 -3.78 16.73
CA ARG B 222 -0.15 -2.79 17.84
C ARG B 222 -1.53 -2.30 18.08
N VAL B 223 -2.15 -2.79 19.19
CA VAL B 223 -3.55 -2.55 19.43
C VAL B 223 -3.97 -1.10 19.65
N SER B 224 -3.10 -0.24 20.17
CA SER B 224 -3.46 1.18 20.31
C SER B 224 -3.81 1.84 19.00
N ARG B 225 -3.26 1.33 17.89
CA ARG B 225 -3.60 1.87 16.55
C ARG B 225 -4.97 1.49 16.10
N PHE B 226 -5.60 0.57 16.81
CA PHE B 226 -6.89 -0.03 16.40
C PHE B 226 -7.94 0.12 17.46
N THR B 227 -7.61 0.79 18.56
CA THR B 227 -8.57 0.91 19.67
CA THR B 227 -8.60 0.83 19.64
C THR B 227 -9.92 1.52 19.25
N GLU B 228 -9.87 2.65 18.55
CA GLU B 228 -11.11 3.25 18.06
CA GLU B 228 -11.10 3.28 18.05
C GLU B 228 -11.93 2.32 17.21
N TRP B 229 -11.28 1.59 16.28
CA TRP B 229 -12.05 0.69 15.43
C TRP B 229 -12.63 -0.45 16.24
N ILE B 230 -11.83 -1.03 17.15
CA ILE B 230 -12.37 -2.14 18.01
C ILE B 230 -13.55 -1.62 18.83
N GLN B 231 -13.38 -0.44 19.46
CA GLN B 231 -14.46 0.13 20.31
C GLN B 231 -15.71 0.41 19.53
N SER B 232 -15.60 0.63 18.22
CA SER B 232 -16.80 0.82 17.36
C SER B 232 -17.77 -0.39 17.35
N PHE B 233 -17.27 -1.57 17.68
CA PHE B 233 -18.13 -2.75 17.79
C PHE B 233 -18.79 -2.92 19.14
N LEU B 234 -18.30 -2.17 20.15
CA LEU B 234 -18.65 -2.52 21.53
C LEU B 234 -19.89 -1.74 22.05
N HIS B 235 -20.38 -0.81 21.27
CA HIS B 235 -21.61 -0.08 21.65
C HIS B 235 -22.47 0.09 20.44
N ILE C 1 36.35 -8.35 -8.48
CA ILE C 1 36.01 -9.43 -7.41
C ILE C 1 37.40 -9.78 -6.84
N VAL C 2 37.61 -9.53 -5.54
CA VAL C 2 38.93 -9.80 -4.88
C VAL C 2 38.80 -11.24 -4.34
N GLY C 3 39.84 -12.10 -4.49
CA GLY C 3 39.83 -13.48 -3.85
C GLY C 3 38.89 -14.49 -4.55
N GLY C 4 38.44 -14.18 -5.79
CA GLY C 4 37.54 -15.07 -6.53
C GLY C 4 38.30 -16.02 -7.46
N SER C 5 37.61 -16.62 -8.41
CA SER C 5 38.29 -17.44 -9.38
C SER C 5 37.55 -17.25 -10.73
N ASP C 6 38.14 -17.76 -11.81
CA ASP C 6 37.54 -17.60 -13.16
C ASP C 6 36.22 -18.35 -13.20
N ALA C 7 35.15 -17.68 -13.59
CA ALA C 7 33.90 -18.38 -13.95
C ALA C 7 34.02 -19.26 -15.23
N LYS C 8 33.23 -20.32 -15.32
CA LYS C 8 33.15 -21.14 -16.53
C LYS C 8 32.22 -20.35 -17.45
N GLU C 9 32.43 -20.47 -18.76
CA GLU C 9 31.50 -19.89 -19.74
C GLU C 9 30.08 -20.39 -19.47
N GLY C 10 29.12 -19.49 -19.52
CA GLY C 10 27.70 -19.90 -19.19
C GLY C 10 27.35 -20.12 -17.72
N ALA C 11 28.30 -19.98 -16.79
CA ALA C 11 27.96 -20.18 -15.34
C ALA C 11 26.87 -19.24 -14.79
N TRP C 12 26.86 -17.97 -15.22
CA TRP C 12 25.98 -16.93 -14.65
C TRP C 12 25.34 -16.19 -15.83
N PRO C 13 24.38 -16.85 -16.49
CA PRO C 13 23.95 -16.32 -17.82
C PRO C 13 23.07 -15.09 -17.70
N TRP C 14 22.77 -14.63 -16.47
CA TRP C 14 22.11 -13.33 -16.25
C TRP C 14 23.06 -12.21 -16.03
N VAL C 15 24.36 -12.51 -15.86
CA VAL C 15 25.33 -11.42 -15.64
C VAL C 15 25.62 -10.70 -16.95
N VAL C 16 25.48 -9.37 -16.95
CA VAL C 16 25.68 -8.49 -18.12
C VAL C 16 26.81 -7.47 -17.87
N GLY C 17 27.69 -7.21 -18.85
CA GLY C 17 28.70 -6.14 -18.65
C GLY C 17 28.12 -4.84 -19.18
N LEU C 18 28.27 -3.73 -18.42
CA LEU C 18 27.80 -2.45 -18.92
C LEU C 18 29.00 -1.59 -19.26
N TYR C 19 29.01 -1.12 -20.53
CA TYR C 19 30.09 -0.29 -21.05
C TYR C 19 29.53 1.09 -21.22
N TYR C 20 30.29 2.05 -20.73
CA TYR C 20 29.92 3.50 -20.86
C TYR C 20 31.11 4.16 -21.48
N ASP C 21 30.88 4.76 -22.65
CA ASP C 21 31.99 5.32 -23.44
C ASP C 21 33.06 4.28 -23.76
N ASP C 22 32.58 3.07 -24.09
CA ASP C 22 33.42 1.97 -24.54
CA ASP C 22 33.41 1.96 -24.58
C ASP C 22 34.34 1.37 -23.47
N ARG C 23 34.02 1.62 -22.20
CA ARG C 23 34.76 0.98 -21.08
C ARG C 23 33.76 0.29 -20.17
N LEU C 24 34.05 -0.94 -19.78
CA LEU C 24 33.17 -1.70 -18.84
C LEU C 24 33.22 -1.00 -17.46
N LEU C 25 32.13 -0.37 -17.03
CA LEU C 25 32.17 0.33 -15.74
C LEU C 25 31.44 -0.38 -14.64
N CYS C 26 30.46 -1.23 -14.99
CA CYS C 26 29.49 -1.78 -13.96
C CYS C 26 29.01 -3.13 -14.50
N GLY C 27 28.46 -3.95 -13.62
CA GLY C 27 27.69 -5.15 -14.01
C GLY C 27 26.18 -4.84 -13.89
N ALA C 28 25.39 -5.81 -14.31
CA ALA C 28 23.93 -5.71 -14.30
C ALA C 28 23.40 -7.15 -14.38
N SER C 29 22.07 -7.32 -14.10
CA SER C 29 21.38 -8.61 -14.10
C SER C 29 20.22 -8.55 -15.10
N LEU C 30 20.19 -9.52 -15.99
CA LEU C 30 19.08 -9.62 -16.93
C LEU C 30 17.89 -10.15 -16.11
N VAL C 31 16.75 -9.44 -16.15
CA VAL C 31 15.57 -9.94 -15.46
C VAL C 31 14.32 -10.20 -16.36
N SER C 32 14.39 -9.80 -17.63
CA SER C 32 13.34 -10.09 -18.61
C SER C 32 13.98 -9.95 -19.99
N SER C 33 13.22 -10.12 -21.07
CA SER C 33 14.00 -10.13 -22.28
C SER C 33 14.45 -8.75 -22.74
N ASP C 34 14.00 -7.65 -22.15
CA ASP C 34 14.67 -6.39 -22.47
C ASP C 34 14.86 -5.49 -21.26
N TRP C 35 14.85 -6.05 -20.02
CA TRP C 35 15.15 -5.18 -18.88
C TRP C 35 16.29 -5.75 -18.02
N LEU C 36 17.16 -4.85 -17.59
CA LEU C 36 18.21 -5.21 -16.65
C LEU C 36 17.96 -4.47 -15.35
N VAL C 37 18.47 -5.05 -14.26
CA VAL C 37 18.54 -4.33 -13.01
C VAL C 37 20.04 -4.02 -12.71
N SER C 38 20.35 -2.78 -12.30
CA SER C 38 21.76 -2.50 -11.94
C SER C 38 21.71 -1.53 -10.76
N ALA C 39 22.81 -0.81 -10.45
CA ALA C 39 22.82 0.08 -9.29
C ALA C 39 22.57 1.53 -9.74
N ALA C 40 21.81 2.32 -8.96
CA ALA C 40 21.59 3.71 -9.36
C ALA C 40 22.96 4.46 -9.47
N HIS C 41 23.91 4.20 -8.57
CA HIS C 41 25.14 5.00 -8.64
C HIS C 41 25.92 4.74 -9.90
N CYS C 42 25.74 3.60 -10.55
CA CYS C 42 26.37 3.40 -11.83
C CYS C 42 25.90 4.41 -12.87
N VAL C 43 24.58 4.72 -12.87
CA VAL C 43 23.98 5.51 -13.94
C VAL C 43 23.77 6.96 -13.49
N TYR C 44 23.84 7.26 -12.20
CA TYR C 44 23.63 8.63 -11.76
C TYR C 44 24.70 9.50 -12.40
N GLY C 45 24.30 10.60 -13.02
CA GLY C 45 25.27 11.46 -13.69
C GLY C 45 25.76 10.97 -15.06
N ARG C 46 25.21 9.86 -15.55
CA ARG C 46 25.59 9.23 -16.79
C ARG C 46 24.31 8.73 -17.53
N ASN C 47 23.20 9.39 -17.26
CA ASN C 47 21.90 8.91 -17.69
C ASN C 47 21.20 9.85 -18.71
N LEU C 48 21.78 11.04 -18.93
CA LEU C 48 21.19 12.08 -19.84
C LEU C 48 21.11 11.51 -21.27
N GLU C 49 21.98 10.56 -21.61
CA GLU C 49 22.06 10.07 -22.98
C GLU C 49 22.20 8.57 -22.88
N PRO C 50 21.06 7.85 -22.71
CA PRO C 50 21.15 6.40 -22.42
C PRO C 50 21.95 5.58 -23.51
N SER C 51 22.00 6.08 -24.76
CA SER C 51 22.75 5.44 -25.86
C SER C 51 24.27 5.39 -25.70
N LYS C 52 24.80 6.09 -24.69
CA LYS C 52 26.20 6.03 -24.35
C LYS C 52 26.47 4.72 -23.61
N TRP C 53 25.42 4.00 -23.18
CA TRP C 53 25.66 2.71 -22.54
C TRP C 53 25.41 1.58 -23.52
N THR C 54 26.29 0.57 -23.50
CA THR C 54 26.06 -0.67 -24.24
C THR C 54 26.08 -1.85 -23.26
N ALA C 55 25.06 -2.69 -23.32
CA ALA C 55 25.05 -3.90 -22.51
C ALA C 55 25.61 -5.05 -23.40
N ILE C 56 26.55 -5.81 -22.85
CA ILE C 56 27.01 -7.01 -23.52
C ILE C 56 26.51 -8.20 -22.72
N LEU C 57 25.60 -8.94 -23.35
CA LEU C 57 25.00 -10.10 -22.74
C LEU C 57 25.80 -11.31 -23.25
N GLY C 58 25.81 -12.32 -22.41
CA GLY C 58 26.50 -13.56 -22.68
C GLY C 58 28.01 -13.31 -22.74
N LEU C 59 28.48 -12.27 -22.04
CA LEU C 59 29.94 -11.93 -22.00
C LEU C 59 30.69 -12.91 -21.04
N HIS C 60 31.91 -13.38 -21.44
CA HIS C 60 32.78 -14.20 -20.57
C HIS C 60 34.08 -13.47 -20.34
N MET C 61 34.80 -13.11 -21.43
CA MET C 61 36.10 -12.41 -21.30
C MET C 61 36.07 -11.10 -22.08
N LYS C 62 36.54 -10.05 -21.43
CA LYS C 62 36.52 -8.74 -22.09
C LYS C 62 37.33 -8.72 -23.38
N SER C 63 38.36 -9.56 -23.41
CA SER C 63 39.27 -9.61 -24.57
C SER C 63 38.62 -10.38 -25.75
N ASN C 64 37.41 -10.90 -25.57
CA ASN C 64 36.72 -11.63 -26.67
C ASN C 64 35.26 -11.16 -26.76
N LEU C 65 35.04 -10.00 -27.38
CA LEU C 65 33.67 -9.46 -27.52
C LEU C 65 32.98 -10.05 -28.76
N THR C 66 33.70 -10.82 -29.55
CA THR C 66 33.17 -11.23 -30.86
C THR C 66 32.75 -12.72 -30.91
N SER C 67 32.64 -13.40 -29.77
CA SER C 67 32.50 -14.83 -29.83
C SER C 67 31.02 -15.05 -30.17
N PRO C 68 30.63 -16.26 -30.64
CA PRO C 68 29.20 -16.26 -31.02
C PRO C 68 28.26 -16.35 -29.78
N GLN C 69 28.80 -16.48 -28.57
CA GLN C 69 27.87 -16.43 -27.36
C GLN C 69 27.28 -15.01 -27.05
N THR C 70 27.90 -13.94 -27.54
CA THR C 70 27.63 -12.59 -26.91
C THR C 70 26.63 -11.82 -27.76
N VAL C 71 25.87 -10.91 -27.15
CA VAL C 71 24.81 -10.19 -27.90
C VAL C 71 24.92 -8.79 -27.34
N PRO C 72 25.19 -7.76 -28.23
CA PRO C 72 25.30 -6.40 -27.75
C PRO C 72 23.94 -5.71 -27.83
N ARG C 73 23.65 -4.80 -26.89
CA ARG C 73 22.46 -3.92 -27.06
C ARG C 73 22.78 -2.54 -26.49
N LEU C 74 22.41 -1.50 -27.24
CA LEU C 74 22.33 -0.16 -26.70
C LEU C 74 21.23 -0.10 -25.65
N ILE C 75 21.42 0.76 -24.66
CA ILE C 75 20.38 1.01 -23.64
C ILE C 75 19.62 2.19 -24.16
N ASP C 76 18.28 2.17 -24.07
CA ASP C 76 17.59 3.36 -24.57
C ASP C 76 16.68 3.99 -23.53
N GLU C 77 16.62 3.38 -22.33
CA GLU C 77 15.91 4.02 -21.20
C GLU C 77 16.51 3.61 -19.86
N ILE C 78 16.62 4.59 -18.96
CA ILE C 78 17.23 4.34 -17.64
C ILE C 78 16.31 4.94 -16.62
N VAL C 79 15.87 4.11 -15.67
CA VAL C 79 14.93 4.58 -14.62
C VAL C 79 15.58 4.31 -13.26
N ILE C 80 16.05 5.38 -12.61
CA ILE C 80 16.65 5.24 -11.24
C ILE C 80 15.52 5.10 -10.25
N ASN C 81 15.69 4.28 -9.22
CA ASN C 81 14.61 4.19 -8.23
C ASN C 81 14.26 5.56 -7.68
N PRO C 82 12.96 5.91 -7.61
CA PRO C 82 12.61 7.26 -7.24
C PRO C 82 12.94 7.65 -5.85
N HIS C 83 13.32 6.64 -5.02
CA HIS C 83 13.76 6.90 -3.63
C HIS C 83 15.26 6.90 -3.42
N TYR C 84 16.01 6.84 -4.50
CA TYR C 84 17.46 6.83 -4.42
C TYR C 84 17.92 8.12 -3.76
N ASN C 85 18.84 7.97 -2.81
CA ASN C 85 19.45 9.13 -2.13
C ASN C 85 20.96 8.93 -2.20
N ARG C 86 21.66 9.81 -2.94
CA ARG C 86 23.08 9.65 -3.14
C ARG C 86 23.88 9.77 -1.85
N ARG C 87 23.52 10.74 -0.99
CA ARG C 87 24.32 11.04 0.19
C ARG C 87 24.27 9.85 1.17
N ARG C 88 23.10 9.23 1.34
CA ARG C 88 22.95 8.09 2.30
CA ARG C 88 22.89 8.08 2.27
C ARG C 88 23.18 6.74 1.63
N LYS C 89 23.37 6.77 0.29
CA LYS C 89 23.56 5.57 -0.59
C LYS C 89 22.41 4.58 -0.50
N ASP C 90 21.21 5.10 -0.26
CA ASP C 90 20.04 4.22 0.07
C ASP C 90 19.19 4.05 -1.18
N ASN C 91 18.60 2.86 -1.37
CA ASN C 91 17.76 2.59 -2.53
C ASN C 91 18.60 2.67 -3.81
N ASP C 92 19.77 2.06 -3.74
CA ASP C 92 20.74 2.14 -4.84
C ASP C 92 20.41 1.14 -5.99
N ILE C 93 19.33 1.39 -6.76
CA ILE C 93 18.96 0.38 -7.73
C ILE C 93 18.34 1.10 -8.90
N ALA C 94 18.49 0.57 -10.12
CA ALA C 94 17.95 1.25 -11.30
C ALA C 94 17.51 0.20 -12.34
N MET C 95 16.60 0.59 -13.23
CA MET C 95 16.21 -0.28 -14.36
C MET C 95 16.83 0.20 -15.65
N MET C 96 17.21 -0.71 -16.56
CA MET C 96 17.78 -0.24 -17.85
C MET C 96 17.23 -1.06 -18.98
N HIS C 97 16.77 -0.38 -20.01
CA HIS C 97 16.01 -1.07 -21.05
C HIS C 97 16.91 -1.30 -22.23
N LEU C 98 16.79 -2.51 -22.79
CA LEU C 98 17.55 -2.87 -23.97
C LEU C 98 16.79 -2.40 -25.22
N GLU C 99 17.52 -1.94 -26.22
CA GLU C 99 16.87 -1.38 -27.41
C GLU C 99 16.04 -2.41 -28.17
N PHE C 100 16.41 -3.71 -28.11
CA PHE C 100 15.57 -4.75 -28.72
C PHE C 100 15.63 -5.87 -27.72
N LYS C 101 14.61 -6.68 -27.67
CA LYS C 101 14.67 -7.87 -26.79
C LYS C 101 15.82 -8.85 -27.24
N VAL C 102 16.27 -9.73 -26.30
CA VAL C 102 17.25 -10.74 -26.62
C VAL C 102 16.54 -12.09 -26.57
N ASN C 103 17.08 -13.06 -27.30
CA ASN C 103 16.58 -14.44 -27.26
C ASN C 103 17.39 -15.16 -26.21
N TYR C 104 16.76 -15.93 -25.35
CA TYR C 104 17.54 -16.61 -24.29
C TYR C 104 18.29 -17.82 -24.83
N THR C 105 19.46 -18.11 -24.29
CA THR C 105 20.26 -19.22 -24.78
C THR C 105 20.95 -19.88 -23.54
N ASP C 106 21.84 -20.85 -23.74
CA ASP C 106 22.59 -21.39 -22.60
C ASP C 106 23.43 -20.24 -21.96
N TYR C 107 23.69 -19.18 -22.71
CA TYR C 107 24.60 -18.16 -22.18
C TYR C 107 23.88 -16.92 -21.78
N ILE C 108 22.59 -16.82 -22.07
CA ILE C 108 21.82 -15.57 -21.76
C ILE C 108 20.49 -16.04 -21.22
N GLN C 109 20.21 -15.73 -19.93
CA GLN C 109 18.99 -16.21 -19.21
C GLN C 109 18.66 -15.18 -18.11
N PRO C 110 17.37 -14.94 -17.81
CA PRO C 110 17.00 -13.97 -16.77
C PRO C 110 17.22 -14.62 -15.40
N ILE C 111 17.43 -13.81 -14.36
CA ILE C 111 17.50 -14.38 -13.01
C ILE C 111 16.19 -14.06 -12.33
N SER C 112 15.69 -14.98 -11.51
CA SER C 112 14.43 -14.77 -10.80
C SER C 112 14.54 -13.76 -9.68
N LEU C 113 13.44 -13.02 -9.47
CA LEU C 113 13.38 -12.07 -8.39
C LEU C 113 12.93 -12.80 -7.12
N PRO C 114 13.31 -12.29 -5.92
CA PRO C 114 12.85 -12.94 -4.68
C PRO C 114 11.36 -12.67 -4.49
N GLU C 115 10.73 -13.55 -3.74
CA GLU C 115 9.48 -13.16 -3.04
C GLU C 115 9.66 -11.89 -2.11
N GLU C 116 8.67 -11.00 -2.15
CA GLU C 116 8.55 -9.97 -1.11
C GLU C 116 8.66 -10.69 0.28
N ASN C 117 9.41 -10.10 1.19
CA ASN C 117 9.66 -10.73 2.52
C ASN C 117 10.52 -12.02 2.51
N GLN C 118 11.06 -12.48 1.36
CA GLN C 118 11.84 -13.77 1.31
C GLN C 118 13.08 -13.47 2.14
N VAL C 119 13.50 -14.51 2.87
CA VAL C 119 14.62 -14.48 3.72
C VAL C 119 15.72 -15.40 3.16
N PHE C 120 16.81 -14.72 2.95
CA PHE C 120 18.13 -15.37 2.81
C PHE C 120 18.82 -15.06 4.10
N PRO C 121 18.97 -16.07 4.94
CA PRO C 121 19.33 -15.73 6.31
C PRO C 121 20.83 -15.44 6.50
N PRO C 122 21.15 -14.64 7.55
CA PRO C 122 22.55 -14.38 7.89
C PRO C 122 23.28 -15.71 7.95
N GLY C 123 24.50 -15.78 7.45
CA GLY C 123 25.28 -17.01 7.48
C GLY C 123 25.15 -17.90 6.24
N ARG C 124 24.09 -17.77 5.46
CA ARG C 124 23.92 -18.53 4.17
C ARG C 124 25.06 -18.09 3.20
N ASN C 125 25.61 -18.99 2.42
CA ASN C 125 26.51 -18.59 1.39
C ASN C 125 25.80 -18.18 0.11
N CYS C 126 26.12 -17.00 -0.42
CA CYS C 126 25.63 -16.57 -1.71
C CYS C 126 26.82 -16.31 -2.65
N SER C 127 26.56 -15.97 -3.92
CA SER C 127 27.67 -15.84 -4.93
C SER C 127 27.64 -14.44 -5.53
N ILE C 128 28.83 -13.97 -5.87
CA ILE C 128 28.96 -12.66 -6.53
C ILE C 128 29.81 -12.89 -7.80
N ALA C 129 29.71 -12.00 -8.78
CA ALA C 129 30.50 -12.14 -10.01
C ALA C 129 30.72 -10.81 -10.67
N GLY C 130 31.88 -10.60 -11.33
CA GLY C 130 31.97 -9.35 -12.07
C GLY C 130 33.34 -9.26 -12.71
N TRP C 131 33.57 -8.18 -13.43
CA TRP C 131 34.84 -7.92 -14.08
C TRP C 131 35.67 -6.88 -13.36
N GLY C 132 35.34 -6.59 -12.11
CA GLY C 132 35.97 -5.46 -11.42
C GLY C 132 37.37 -5.77 -10.94
N THR C 133 37.96 -4.90 -10.11
CA THR C 133 39.37 -5.08 -9.72
C THR C 133 39.56 -6.39 -8.91
N VAL C 134 40.71 -7.05 -9.08
CA VAL C 134 40.97 -8.31 -8.38
C VAL C 134 41.75 -8.11 -7.06
N VAL C 135 42.23 -6.90 -6.85
CA VAL C 135 42.76 -6.46 -5.52
C VAL C 135 42.44 -4.98 -5.39
N TYR C 136 42.32 -4.49 -4.18
CA TYR C 136 41.99 -3.07 -4.01
C TYR C 136 43.01 -2.19 -4.75
N GLN C 137 42.51 -1.32 -5.65
CA GLN C 137 43.34 -0.39 -6.44
C GLN C 137 44.28 -1.10 -7.38
N GLY C 138 43.94 -2.33 -7.71
CA GLY C 138 44.68 -3.17 -8.70
C GLY C 138 44.09 -3.14 -10.09
N THR C 139 44.41 -4.14 -10.87
CA THR C 139 43.90 -4.30 -12.20
C THR C 139 42.51 -5.03 -12.21
N THR C 140 41.73 -4.76 -13.26
CA THR C 140 40.46 -5.43 -13.47
C THR C 140 40.65 -6.82 -14.11
N ALA C 141 39.64 -7.67 -14.07
CA ALA C 141 39.74 -9.05 -14.58
C ALA C 141 39.50 -9.06 -16.08
N ASP C 142 40.14 -9.95 -16.82
CA ASP C 142 39.68 -10.20 -18.17
C ASP C 142 38.49 -11.17 -18.20
N ILE C 143 38.69 -12.33 -17.61
CA ILE C 143 37.66 -13.39 -17.56
C ILE C 143 36.74 -13.09 -16.34
N LEU C 144 35.44 -13.29 -16.50
CA LEU C 144 34.52 -13.01 -15.43
C LEU C 144 34.98 -13.73 -14.16
N GLN C 145 34.97 -12.98 -13.06
CA GLN C 145 35.34 -13.65 -11.80
C GLN C 145 34.10 -13.97 -10.94
N GLU C 146 34.19 -15.03 -10.13
CA GLU C 146 33.08 -15.36 -9.21
C GLU C 146 33.67 -15.71 -7.83
N ALA C 147 32.85 -15.56 -6.79
CA ALA C 147 33.28 -15.91 -5.43
C ALA C 147 32.00 -16.17 -4.62
N ASP C 148 32.20 -16.79 -3.47
CA ASP C 148 31.11 -17.05 -2.55
C ASP C 148 31.33 -16.19 -1.35
N VAL C 149 30.25 -15.63 -0.84
CA VAL C 149 30.36 -14.80 0.37
C VAL C 149 29.16 -15.06 1.26
N PRO C 150 29.38 -15.01 2.59
CA PRO C 150 28.25 -15.30 3.50
C PRO C 150 27.51 -14.01 3.83
N LEU C 151 26.20 -14.13 3.95
CA LEU C 151 25.36 -12.98 4.36
C LEU C 151 25.60 -12.60 5.83
N LEU C 152 25.51 -11.30 6.12
CA LEU C 152 25.48 -10.78 7.55
C LEU C 152 24.08 -10.39 7.94
N SER C 153 23.84 -10.24 9.25
CA SER C 153 22.59 -9.55 9.68
C SER C 153 22.83 -8.05 9.48
N ASN C 154 21.78 -7.27 9.28
CA ASN C 154 21.91 -5.84 9.13
C ASN C 154 22.49 -5.18 10.41
N GLU C 155 22.17 -5.78 11.53
CA GLU C 155 22.65 -5.24 12.80
C GLU C 155 24.21 -5.37 12.89
N ARG C 156 24.71 -6.55 12.50
CA ARG C 156 26.19 -6.75 12.53
C ARG C 156 26.80 -5.90 11.42
N CYS C 157 26.14 -5.89 10.26
CA CYS C 157 26.57 -4.94 9.22
C CYS C 157 26.69 -3.47 9.72
N GLN C 158 25.65 -2.97 10.41
CA GLN C 158 25.72 -1.62 10.96
C GLN C 158 26.89 -1.45 11.95
N GLN C 159 27.11 -2.45 12.79
CA GLN C 159 28.18 -2.40 13.78
CA GLN C 159 28.18 -2.38 13.78
C GLN C 159 29.56 -2.19 13.12
N GLN C 160 29.75 -2.81 11.94
CA GLN C 160 31.00 -2.77 11.19
C GLN C 160 31.13 -1.62 10.22
N MET C 161 30.03 -0.88 10.01
CA MET C 161 29.96 0.23 9.07
C MET C 161 29.39 1.49 9.73
N PRO C 162 30.04 1.95 10.83
CA PRO C 162 29.43 3.03 11.61
C PRO C 162 29.44 4.35 10.86
N GLU C 163 30.25 4.48 9.81
CA GLU C 163 30.23 5.70 8.96
C GLU C 163 29.03 5.82 8.04
N TYR C 164 28.16 4.81 8.02
CA TYR C 164 27.07 4.78 7.04
C TYR C 164 25.80 4.50 7.82
N ASN C 165 24.64 4.70 7.19
CA ASN C 165 23.41 4.21 7.76
C ASN C 165 22.97 2.94 6.99
N ILE C 166 23.07 1.79 7.64
CA ILE C 166 22.75 0.52 7.02
C ILE C 166 21.19 0.36 7.13
N THR C 167 20.45 0.53 6.04
CA THR C 167 18.99 0.53 6.15
C THR C 167 18.45 -0.85 5.79
N GLU C 168 17.16 -1.06 6.00
CA GLU C 168 16.52 -2.28 5.57
C GLU C 168 16.52 -2.40 3.99
N ASN C 169 16.81 -1.31 3.23
CA ASN C 169 16.96 -1.43 1.77
C ASN C 169 18.31 -2.03 1.34
N MET C 170 19.07 -2.48 2.33
CA MET C 170 20.42 -2.99 2.18
C MET C 170 20.62 -4.38 2.74
N ILE C 171 21.48 -5.20 2.11
CA ILE C 171 21.78 -6.52 2.66
C ILE C 171 23.34 -6.62 2.53
N CYS C 172 24.03 -7.22 3.50
CA CYS C 172 25.49 -7.15 3.53
C CYS C 172 26.04 -8.56 3.48
N ALA C 173 27.24 -8.70 2.95
CA ALA C 173 27.93 -9.99 2.85
C ALA C 173 29.40 -9.79 2.87
N GLY C 174 30.09 -10.78 3.47
CA GLY C 174 31.51 -10.65 3.62
C GLY C 174 32.01 -11.58 4.73
N TYR C 175 33.35 -11.76 4.78
CA TYR C 175 33.99 -12.66 5.74
C TYR C 175 34.55 -11.85 6.89
N GLU C 176 34.52 -12.41 8.08
CA GLU C 176 35.09 -11.71 9.21
C GLU C 176 36.56 -11.37 8.96
N GLU C 177 37.26 -12.28 8.27
CA GLU C 177 38.71 -12.06 8.07
C GLU C 177 38.99 -11.37 6.75
N GLY C 178 37.93 -11.05 6.01
CA GLY C 178 38.12 -10.32 4.74
C GLY C 178 38.67 -11.22 3.65
N GLY C 179 39.29 -10.65 2.62
CA GLY C 179 39.98 -11.43 1.58
C GLY C 179 39.19 -11.68 0.31
N ILE C 180 37.87 -11.70 0.42
CA ILE C 180 36.97 -12.04 -0.73
C ILE C 180 35.82 -11.00 -0.73
N ASP C 181 35.61 -10.31 -1.85
CA ASP C 181 34.64 -9.22 -1.80
C ASP C 181 34.39 -8.71 -3.19
N SER C 182 33.35 -7.92 -3.38
CA SER C 182 33.19 -7.21 -4.65
CA SER C 182 33.17 -7.22 -4.64
C SER C 182 34.11 -6.00 -4.63
N CYS C 183 34.44 -5.47 -5.81
CA CYS C 183 35.30 -4.26 -5.76
C CYS C 183 34.94 -3.28 -6.91
N GLN C 184 35.84 -2.36 -7.21
CA GLN C 184 35.55 -1.37 -8.19
C GLN C 184 35.32 -1.99 -9.57
N GLY C 185 34.19 -1.63 -10.18
CA GLY C 185 33.87 -2.14 -11.51
C GLY C 185 32.84 -3.29 -11.37
N ASP C 186 32.65 -3.79 -10.14
CA ASP C 186 31.64 -4.87 -9.92
C ASP C 186 30.28 -4.31 -9.57
N SER C 187 30.22 -3.02 -9.24
CA SER C 187 28.95 -2.36 -8.84
C SER C 187 27.87 -2.65 -9.84
N GLY C 188 26.64 -2.85 -9.33
CA GLY C 188 25.50 -3.07 -10.25
C GLY C 188 25.30 -4.56 -10.56
N GLY C 189 26.34 -5.37 -10.32
CA GLY C 189 26.22 -6.81 -10.56
C GLY C 189 25.41 -7.51 -9.44
N PRO C 190 25.12 -8.80 -9.60
CA PRO C 190 24.24 -9.49 -8.71
C PRO C 190 24.90 -10.12 -7.47
N LEU C 191 24.16 -10.17 -6.38
CA LEU C 191 24.48 -11.05 -5.28
C LEU C 191 23.37 -12.09 -5.40
N MET C 192 23.75 -13.34 -5.66
CA MET C 192 22.72 -14.34 -5.98
C MET C 192 22.78 -15.49 -5.01
N CYS C 193 21.61 -15.95 -4.62
CA CYS C 193 21.51 -16.98 -3.60
C CYS C 193 20.64 -18.07 -4.17
N GLN C 194 21.06 -19.33 -4.00
CA GLN C 194 20.30 -20.45 -4.55
C GLN C 194 19.40 -20.99 -3.50
N GLU C 195 18.15 -21.17 -3.84
CA GLU C 195 17.25 -21.78 -2.91
C GLU C 195 16.53 -22.83 -3.66
N ASN C 196 16.60 -24.04 -3.14
CA ASN C 196 15.82 -25.12 -3.71
C ASN C 196 16.03 -25.21 -5.22
N ASN C 197 17.29 -25.32 -5.63
CA ASN C 197 17.64 -25.49 -7.05
C ASN C 197 17.35 -24.30 -8.02
N ARG C 198 17.14 -23.11 -7.50
CA ARG C 198 16.82 -21.95 -8.34
C ARG C 198 17.61 -20.78 -7.81
N TRP C 199 18.18 -19.96 -8.71
CA TRP C 199 18.96 -18.79 -8.28
C TRP C 199 18.09 -17.55 -8.19
N PHE C 200 18.27 -16.72 -7.15
CA PHE C 200 17.46 -15.53 -6.96
C PHE C 200 18.41 -14.36 -6.84
N LEU C 201 17.98 -13.23 -7.41
CA LEU C 201 18.71 -12.02 -7.31
C LEU C 201 18.42 -11.46 -5.89
N ALA C 202 19.30 -11.70 -4.92
CA ALA C 202 19.04 -11.21 -3.54
C ALA C 202 19.52 -9.76 -3.37
N GLY C 203 20.58 -9.39 -4.11
CA GLY C 203 21.22 -8.07 -3.87
C GLY C 203 21.80 -7.48 -5.16
N VAL C 204 22.00 -6.15 -5.20
CA VAL C 204 22.73 -5.53 -6.34
C VAL C 204 23.97 -4.84 -5.69
N THR C 205 25.13 -5.17 -6.18
CA THR C 205 26.42 -4.65 -5.61
C THR C 205 26.39 -3.06 -5.53
N SER C 206 26.51 -2.56 -4.30
CA SER C 206 26.24 -1.16 -4.02
C SER C 206 27.50 -0.44 -3.51
N PHE C 207 28.03 -0.77 -2.33
CA PHE C 207 29.19 0.02 -1.87
C PHE C 207 29.88 -0.74 -0.79
N GLY C 208 31.04 -0.26 -0.43
CA GLY C 208 31.75 -0.79 0.75
C GLY C 208 32.84 0.18 1.16
N TYR C 209 33.47 -0.11 2.27
CA TYR C 209 34.59 0.72 2.72
C TYR C 209 35.84 0.01 2.17
N GLU C 210 36.33 0.50 1.03
CA GLU C 210 37.39 -0.09 0.22
C GLU C 210 36.89 -1.46 -0.21
N CYS C 211 37.78 -2.46 -0.26
CA CYS C 211 37.36 -3.82 -0.65
C CYS C 211 38.15 -4.83 0.19
N ALA C 212 37.52 -5.94 0.61
CA ALA C 212 38.24 -7.15 1.14
C ALA C 212 38.93 -6.91 2.50
N LEU C 213 38.66 -5.78 3.16
CA LEU C 213 39.19 -5.63 4.55
C LEU C 213 38.51 -6.57 5.53
N PRO C 214 39.24 -6.97 6.58
CA PRO C 214 38.54 -7.74 7.62
C PRO C 214 37.43 -6.91 8.32
N ASN C 215 36.31 -7.58 8.64
CA ASN C 215 35.13 -6.91 9.31
C ASN C 215 34.73 -5.59 8.57
N ARG C 216 34.77 -5.65 7.24
CA ARG C 216 34.20 -4.61 6.41
C ARG C 216 33.37 -5.30 5.32
N PRO C 217 32.08 -5.51 5.58
CA PRO C 217 31.33 -6.29 4.57
C PRO C 217 30.94 -5.45 3.33
N GLY C 218 30.68 -6.15 2.22
CA GLY C 218 30.16 -5.48 1.03
C GLY C 218 28.70 -5.17 1.37
N VAL C 219 28.22 -4.04 0.86
CA VAL C 219 26.83 -3.69 0.98
C VAL C 219 26.16 -3.72 -0.39
N TYR C 220 24.93 -4.31 -0.42
CA TYR C 220 24.20 -4.60 -1.66
C TYR C 220 22.81 -4.03 -1.49
N ALA C 221 22.18 -3.52 -2.54
CA ALA C 221 20.77 -3.15 -2.47
C ALA C 221 19.95 -4.46 -2.28
N ARG C 222 19.01 -4.44 -1.33
CA ARG C 222 18.24 -5.70 -0.97
C ARG C 222 17.05 -5.83 -1.93
N VAL C 223 17.16 -6.70 -2.90
CA VAL C 223 16.22 -6.71 -4.04
C VAL C 223 14.78 -7.10 -3.62
N SER C 224 14.62 -7.92 -2.58
CA SER C 224 13.26 -8.23 -2.08
C SER C 224 12.44 -6.96 -1.75
N ARG C 225 13.12 -5.87 -1.38
CA ARG C 225 12.45 -4.64 -1.06
C ARG C 225 11.94 -3.87 -2.30
N PHE C 226 12.41 -4.30 -3.48
CA PHE C 226 12.17 -3.61 -4.74
C PHE C 226 11.48 -4.49 -5.73
N THR C 227 11.11 -5.70 -5.29
CA THR C 227 10.50 -6.67 -6.25
C THR C 227 9.23 -6.17 -6.94
N GLU C 228 8.29 -5.59 -6.20
CA GLU C 228 7.10 -5.12 -6.88
C GLU C 228 7.43 -3.91 -7.84
N TRP C 229 8.38 -3.08 -7.42
CA TRP C 229 8.73 -1.92 -8.29
C TRP C 229 9.38 -2.44 -9.58
N ILE C 230 10.29 -3.38 -9.43
CA ILE C 230 10.90 -4.00 -10.62
C ILE C 230 9.86 -4.66 -11.52
N GLN C 231 9.03 -5.49 -10.93
CA GLN C 231 8.03 -6.23 -11.65
C GLN C 231 7.11 -5.30 -12.43
N SER C 232 6.89 -4.07 -11.96
CA SER C 232 6.06 -3.09 -12.68
C SER C 232 6.60 -2.76 -14.10
N PHE C 233 7.90 -2.91 -14.33
CA PHE C 233 8.48 -2.80 -15.68
C PHE C 233 8.33 -4.02 -16.66
N LEU C 234 8.02 -5.21 -16.17
CA LEU C 234 8.34 -6.44 -16.94
C LEU C 234 7.08 -6.94 -17.66
N ILE D 1 -35.59 -4.23 -14.00
CA ILE D 1 -35.45 -2.75 -14.20
C ILE D 1 -36.85 -2.13 -14.22
N VAL D 2 -37.17 -1.28 -13.24
CA VAL D 2 -38.44 -0.50 -13.26
C VAL D 2 -38.28 0.74 -14.16
N GLY D 3 -39.26 0.97 -15.03
CA GLY D 3 -39.32 2.23 -15.77
C GLY D 3 -38.43 2.29 -16.97
N GLY D 4 -37.98 1.13 -17.42
CA GLY D 4 -37.00 1.06 -18.49
C GLY D 4 -37.64 0.67 -19.79
N SER D 5 -36.84 0.24 -20.75
CA SER D 5 -37.34 -0.20 -22.06
C SER D 5 -36.56 -1.40 -22.56
N ASP D 6 -37.06 -2.05 -23.63
CA ASP D 6 -36.38 -3.21 -24.26
C ASP D 6 -35.04 -2.83 -24.83
N ALA D 7 -33.98 -3.46 -24.38
CA ALA D 7 -32.69 -3.25 -24.99
C ALA D 7 -32.70 -3.91 -26.37
N LYS D 8 -31.97 -3.38 -27.34
CA LYS D 8 -31.84 -4.13 -28.61
C LYS D 8 -30.70 -5.12 -28.46
N GLU D 9 -30.67 -6.12 -29.33
CA GLU D 9 -29.70 -7.22 -29.22
C GLU D 9 -28.34 -6.63 -29.37
N GLY D 10 -27.37 -7.01 -28.56
CA GLY D 10 -26.03 -6.40 -28.65
C GLY D 10 -25.84 -5.02 -28.01
N ALA D 11 -26.89 -4.39 -27.48
CA ALA D 11 -26.66 -3.04 -26.87
C ALA D 11 -25.57 -3.05 -25.75
N TRP D 12 -25.54 -4.14 -24.97
CA TRP D 12 -24.70 -4.15 -23.75
C TRP D 12 -23.99 -5.46 -23.72
N PRO D 13 -22.95 -5.60 -24.55
CA PRO D 13 -22.38 -6.96 -24.77
C PRO D 13 -21.55 -7.52 -23.61
N TRP D 14 -21.35 -6.73 -22.54
CA TRP D 14 -20.70 -7.22 -21.34
C TRP D 14 -21.74 -7.75 -20.30
N VAL D 15 -23.04 -7.57 -20.57
CA VAL D 15 -24.09 -7.93 -19.54
C VAL D 15 -24.26 -9.42 -19.62
N VAL D 16 -24.14 -10.12 -18.49
CA VAL D 16 -24.16 -11.57 -18.50
C VAL D 16 -25.32 -12.03 -17.57
N GLY D 17 -26.07 -13.07 -17.94
CA GLY D 17 -27.11 -13.60 -16.97
C GLY D 17 -26.52 -14.75 -16.16
N LEU D 18 -26.69 -14.75 -14.83
CA LEU D 18 -26.21 -15.87 -13.96
C LEU D 18 -27.38 -16.79 -13.63
N TYR D 19 -27.27 -18.06 -14.06
CA TYR D 19 -28.30 -19.06 -13.80
C TYR D 19 -27.82 -20.01 -12.70
N TYR D 20 -28.71 -20.37 -11.80
CA TYR D 20 -28.44 -21.37 -10.80
C TYR D 20 -29.78 -22.13 -10.69
N ASP D 21 -29.73 -23.45 -10.63
CA ASP D 21 -30.96 -24.26 -10.59
C ASP D 21 -31.91 -23.86 -11.75
N ASP D 22 -31.31 -23.60 -12.92
CA ASP D 22 -32.06 -23.27 -14.13
C ASP D 22 -32.89 -21.99 -14.06
N ARG D 23 -32.49 -21.07 -13.18
CA ARG D 23 -33.22 -19.86 -12.89
C ARG D 23 -32.19 -18.72 -12.93
N LEU D 24 -32.52 -17.65 -13.63
CA LEU D 24 -31.62 -16.52 -13.75
C LEU D 24 -31.74 -15.73 -12.42
N LEU D 25 -30.71 -15.73 -11.60
CA LEU D 25 -30.86 -15.15 -10.26
C LEU D 25 -30.30 -13.73 -10.21
N CYS D 26 -29.35 -13.39 -11.10
CA CYS D 26 -28.56 -12.17 -10.90
C CYS D 26 -27.92 -11.84 -12.25
N GLY D 27 -27.52 -10.57 -12.37
CA GLY D 27 -26.65 -10.20 -13.44
C GLY D 27 -25.15 -10.23 -13.10
N ALA D 28 -24.32 -10.04 -14.12
CA ALA D 28 -22.88 -9.93 -13.95
C ALA D 28 -22.33 -9.12 -15.15
N SER D 29 -21.04 -8.76 -15.10
CA SER D 29 -20.34 -7.97 -16.16
C SER D 29 -19.06 -8.74 -16.54
N LEU D 30 -18.91 -9.00 -17.83
CA LEU D 30 -17.69 -9.62 -18.36
C LEU D 30 -16.55 -8.58 -18.31
N VAL D 31 -15.44 -8.94 -17.72
CA VAL D 31 -14.31 -7.99 -17.61
C VAL D 31 -13.05 -8.52 -18.33
N SER D 32 -13.07 -9.77 -18.83
CA SER D 32 -11.90 -10.34 -19.56
C SER D 32 -12.40 -11.58 -20.29
N SER D 33 -11.57 -12.33 -21.00
CA SER D 33 -12.10 -13.55 -21.67
C SER D 33 -12.57 -14.64 -20.69
N ASP D 34 -12.23 -14.47 -19.40
CA ASP D 34 -12.31 -15.54 -18.37
C ASP D 34 -13.04 -15.17 -17.05
N TRP D 35 -13.24 -13.88 -16.77
CA TRP D 35 -13.73 -13.35 -15.45
C TRP D 35 -14.94 -12.46 -15.56
N LEU D 36 -15.88 -12.68 -14.63
CA LEU D 36 -17.03 -11.79 -14.45
C LEU D 36 -16.92 -11.06 -13.10
N VAL D 37 -17.50 -9.87 -13.05
CA VAL D 37 -17.70 -9.18 -11.73
C VAL D 37 -19.17 -9.24 -11.41
N SER D 38 -19.56 -9.63 -10.16
CA SER D 38 -20.99 -9.57 -9.85
C SER D 38 -21.06 -9.06 -8.35
N ALA D 39 -22.21 -9.19 -7.71
CA ALA D 39 -22.40 -8.80 -6.26
C ALA D 39 -22.11 -9.99 -5.38
N ALA D 40 -21.46 -9.78 -4.25
CA ALA D 40 -21.30 -10.83 -3.24
C ALA D 40 -22.66 -11.42 -2.76
N HIS D 41 -23.69 -10.60 -2.52
CA HIS D 41 -24.92 -11.17 -1.99
C HIS D 41 -25.57 -12.15 -2.95
N CYS D 42 -25.30 -12.04 -4.26
CA CYS D 42 -25.79 -13.01 -5.24
C CYS D 42 -25.30 -14.40 -4.99
N VAL D 43 -24.03 -14.50 -4.64
CA VAL D 43 -23.38 -15.81 -4.57
C VAL D 43 -23.13 -16.30 -3.17
N TYR D 44 -23.34 -15.41 -2.16
CA TYR D 44 -23.18 -15.81 -0.76
C TYR D 44 -24.07 -17.07 -0.44
N GLY D 45 -23.49 -18.01 0.28
CA GLY D 45 -24.18 -19.30 0.52
C GLY D 45 -24.24 -20.30 -0.64
N ARG D 46 -23.71 -19.95 -1.82
CA ARG D 46 -23.82 -20.80 -2.98
C ARG D 46 -22.50 -20.71 -3.72
N ASN D 47 -21.41 -20.45 -2.99
CA ASN D 47 -20.12 -20.22 -3.62
C ASN D 47 -19.20 -21.45 -3.56
N LEU D 48 -19.52 -22.40 -2.68
CA LEU D 48 -18.68 -23.60 -2.47
C LEU D 48 -18.77 -24.66 -3.59
N GLU D 49 -19.85 -24.69 -4.36
CA GLU D 49 -19.91 -25.58 -5.53
C GLU D 49 -20.16 -24.70 -6.75
N PRO D 50 -19.09 -24.08 -7.24
CA PRO D 50 -19.31 -23.04 -8.23
C PRO D 50 -19.87 -23.60 -9.50
N SER D 51 -19.61 -24.88 -9.82
CA SER D 51 -20.12 -25.41 -11.09
C SER D 51 -21.67 -25.53 -11.12
N LYS D 52 -22.37 -25.28 -9.98
CA LYS D 52 -23.84 -25.12 -10.04
C LYS D 52 -24.29 -23.84 -10.74
N TRP D 53 -23.33 -22.98 -11.03
CA TRP D 53 -23.67 -21.72 -11.69
C TRP D 53 -23.31 -21.74 -13.17
N THR D 54 -24.21 -21.23 -13.99
CA THR D 54 -23.91 -21.07 -15.41
C THR D 54 -24.03 -19.62 -15.83
N ALA D 55 -23.03 -19.09 -16.50
CA ALA D 55 -23.19 -17.74 -17.08
C ALA D 55 -23.69 -17.87 -18.53
N ILE D 56 -24.68 -17.07 -18.89
CA ILE D 56 -25.08 -17.04 -20.26
C ILE D 56 -24.64 -15.67 -20.82
N LEU D 57 -23.69 -15.73 -21.73
CA LEU D 57 -23.15 -14.58 -22.44
C LEU D 57 -23.87 -14.34 -23.77
N GLY D 58 -23.98 -13.06 -24.17
CA GLY D 58 -24.71 -12.67 -25.37
C GLY D 58 -26.19 -13.00 -25.30
N LEU D 59 -26.74 -13.00 -24.08
CA LEU D 59 -28.15 -13.27 -23.89
C LEU D 59 -28.95 -12.00 -24.17
N HIS D 60 -30.11 -12.16 -24.80
CA HIS D 60 -31.06 -11.05 -25.04
C HIS D 60 -32.40 -11.24 -24.39
N MET D 61 -33.09 -12.34 -24.74
CA MET D 61 -34.33 -12.70 -24.08
C MET D 61 -34.21 -14.11 -23.49
N LYS D 62 -34.70 -14.31 -22.27
CA LYS D 62 -34.50 -15.57 -21.58
C LYS D 62 -35.28 -16.70 -22.26
N SER D 63 -36.37 -16.34 -22.95
CA SER D 63 -37.20 -17.32 -23.69
C SER D 63 -36.53 -17.81 -24.98
N ASN D 64 -35.33 -17.29 -25.30
CA ASN D 64 -34.50 -17.81 -26.39
C ASN D 64 -33.02 -17.93 -25.97
N LEU D 65 -32.69 -19.06 -25.35
CA LEU D 65 -31.33 -19.36 -24.86
C LEU D 65 -30.32 -19.89 -25.90
N THR D 66 -30.84 -20.24 -27.07
CA THR D 66 -30.09 -21.06 -28.03
C THR D 66 -29.97 -20.31 -29.36
N SER D 67 -30.16 -18.99 -29.33
CA SER D 67 -29.93 -18.18 -30.52
C SER D 67 -28.44 -18.28 -30.86
N PRO D 68 -28.07 -17.98 -32.11
CA PRO D 68 -26.67 -18.17 -32.48
C PRO D 68 -25.69 -17.28 -31.68
N GLN D 69 -26.15 -16.20 -31.09
CA GLN D 69 -25.20 -15.31 -30.40
C GLN D 69 -24.96 -15.60 -28.91
N THR D 70 -25.80 -16.44 -28.28
CA THR D 70 -25.60 -16.73 -26.85
C THR D 70 -24.57 -17.86 -26.69
N VAL D 71 -23.89 -17.87 -25.55
CA VAL D 71 -22.81 -18.80 -25.29
C VAL D 71 -22.98 -19.10 -23.77
N PRO D 72 -23.29 -20.34 -23.41
CA PRO D 72 -23.32 -20.73 -21.99
C PRO D 72 -21.93 -21.15 -21.51
N ARG D 73 -21.57 -20.79 -20.28
CA ARG D 73 -20.33 -21.22 -19.63
C ARG D 73 -20.61 -21.51 -18.14
N LEU D 74 -20.22 -22.69 -17.67
CA LEU D 74 -20.22 -23.07 -16.26
C LEU D 74 -19.13 -22.28 -15.54
N ILE D 75 -19.38 -21.93 -14.27
CA ILE D 75 -18.43 -21.18 -13.44
C ILE D 75 -17.60 -22.22 -12.71
N ASP D 76 -16.31 -21.95 -12.51
CA ASP D 76 -15.53 -22.91 -11.76
C ASP D 76 -14.80 -22.31 -10.58
N GLU D 77 -14.94 -21.00 -10.38
CA GLU D 77 -14.45 -20.44 -9.14
C GLU D 77 -15.21 -19.14 -8.83
N ILE D 78 -15.46 -18.92 -7.54
CA ILE D 78 -16.21 -17.73 -7.12
C ILE D 78 -15.42 -17.14 -5.96
N VAL D 79 -15.08 -15.86 -6.02
CA VAL D 79 -14.32 -15.29 -4.89
C VAL D 79 -15.01 -14.06 -4.42
N ILE D 80 -15.60 -14.17 -3.23
CA ILE D 80 -16.32 -13.10 -2.61
C ILE D 80 -15.27 -12.15 -2.04
N ASN D 81 -15.47 -10.85 -2.25
CA ASN D 81 -14.55 -9.86 -1.63
C ASN D 81 -14.33 -10.17 -0.15
N PRO D 82 -13.08 -10.28 0.28
CA PRO D 82 -12.79 -10.72 1.70
C PRO D 82 -13.30 -9.74 2.75
N HIS D 83 -13.75 -8.57 2.32
CA HIS D 83 -14.25 -7.54 3.24
C HIS D 83 -15.76 -7.47 3.22
N TYR D 84 -16.39 -8.35 2.45
CA TYR D 84 -17.87 -8.31 2.36
C TYR D 84 -18.54 -8.48 3.73
N ASN D 85 -19.48 -7.61 4.06
CA ASN D 85 -20.27 -7.72 5.30
C ASN D 85 -21.74 -7.68 4.95
N ARG D 86 -22.41 -8.80 5.16
CA ARG D 86 -23.81 -8.97 4.72
C ARG D 86 -24.72 -8.01 5.42
N ARG D 87 -24.51 -7.92 6.72
CA ARG D 87 -25.34 -7.11 7.54
C ARG D 87 -25.18 -5.66 7.18
N ARG D 88 -23.95 -5.18 6.94
CA ARG D 88 -23.82 -3.76 6.57
C ARG D 88 -24.02 -3.49 5.07
N LYS D 89 -24.18 -4.55 4.27
CA LYS D 89 -24.27 -4.47 2.78
C LYS D 89 -23.01 -3.87 2.16
N ASP D 90 -21.93 -3.85 2.91
CA ASP D 90 -20.72 -3.18 2.44
C ASP D 90 -19.80 -4.09 1.65
N ASN D 91 -19.12 -3.59 0.63
CA ASN D 91 -18.15 -4.39 -0.14
C ASN D 91 -18.84 -5.53 -0.85
N ASP D 92 -19.98 -5.18 -1.39
CA ASP D 92 -20.87 -6.17 -2.03
C ASP D 92 -20.44 -6.53 -3.48
N ILE D 93 -19.33 -7.24 -3.61
CA ILE D 93 -18.74 -7.52 -4.91
C ILE D 93 -18.01 -8.85 -4.89
N ALA D 94 -18.02 -9.53 -6.06
CA ALA D 94 -17.46 -10.84 -6.09
C ALA D 94 -16.94 -11.11 -7.50
N MET D 95 -15.91 -11.91 -7.58
CA MET D 95 -15.39 -12.36 -8.91
C MET D 95 -15.87 -13.76 -9.21
N MET D 96 -16.08 -14.03 -10.51
CA MET D 96 -16.56 -15.39 -10.90
C MET D 96 -15.80 -15.81 -12.13
N HIS D 97 -15.22 -17.00 -12.11
CA HIS D 97 -14.37 -17.41 -13.28
C HIS D 97 -15.10 -18.35 -14.17
N LEU D 98 -14.95 -18.18 -15.49
CA LEU D 98 -15.55 -19.10 -16.49
C LEU D 98 -14.66 -20.32 -16.61
N GLU D 99 -15.24 -21.54 -16.55
CA GLU D 99 -14.41 -22.74 -16.69
C GLU D 99 -13.62 -22.69 -18.01
N PHE D 100 -14.26 -22.18 -19.08
CA PHE D 100 -13.59 -22.08 -20.42
C PHE D 100 -13.76 -20.65 -20.94
N LYS D 101 -12.73 -20.11 -21.59
CA LYS D 101 -12.75 -18.79 -22.26
C LYS D 101 -13.94 -18.53 -23.17
N VAL D 102 -14.29 -17.24 -23.29
CA VAL D 102 -15.16 -16.84 -24.37
C VAL D 102 -14.32 -16.09 -25.36
N ASN D 103 -14.59 -16.29 -26.64
CA ASN D 103 -14.12 -15.37 -27.67
C ASN D 103 -15.11 -14.24 -27.83
N TYR D 104 -14.59 -13.03 -27.90
CA TYR D 104 -15.44 -11.87 -28.12
C TYR D 104 -16.15 -11.81 -29.48
N THR D 105 -17.37 -11.28 -29.49
CA THR D 105 -18.04 -11.08 -30.76
C THR D 105 -18.72 -9.75 -30.69
N ASP D 106 -19.49 -9.42 -31.70
CA ASP D 106 -20.37 -8.25 -31.52
C ASP D 106 -21.29 -8.30 -30.27
N TYR D 107 -21.57 -9.49 -29.75
CA TYR D 107 -22.55 -9.62 -28.69
C TYR D 107 -21.93 -9.98 -27.37
N ILE D 108 -20.59 -10.11 -27.36
CA ILE D 108 -19.91 -10.54 -26.14
C ILE D 108 -18.60 -9.78 -26.08
N GLN D 109 -18.53 -8.77 -25.19
CA GLN D 109 -17.38 -7.91 -25.11
C GLN D 109 -17.15 -7.57 -23.64
N PRO D 110 -15.88 -7.43 -23.20
CA PRO D 110 -15.61 -7.00 -21.82
C PRO D 110 -15.92 -5.51 -21.62
N ILE D 111 -16.27 -5.11 -20.39
CA ILE D 111 -16.35 -3.68 -20.09
C ILE D 111 -15.07 -3.22 -19.40
N SER D 112 -14.62 -1.99 -19.71
CA SER D 112 -13.46 -1.42 -19.01
C SER D 112 -13.70 -1.13 -17.56
N LEU D 113 -12.67 -1.34 -16.75
CA LEU D 113 -12.68 -0.96 -15.38
C LEU D 113 -12.34 0.53 -15.20
N PRO D 114 -12.84 1.13 -14.12
CA PRO D 114 -12.47 2.54 -13.94
C PRO D 114 -10.97 2.67 -13.61
N GLU D 115 -10.39 3.82 -13.84
CA GLU D 115 -9.16 4.11 -13.10
C GLU D 115 -9.42 4.14 -11.54
N GLU D 116 -8.43 3.67 -10.75
CA GLU D 116 -8.62 3.56 -9.29
C GLU D 116 -9.22 4.81 -8.59
N ASN D 117 -8.90 6.04 -9.05
CA ASN D 117 -9.56 7.27 -8.47
C ASN D 117 -10.59 7.99 -9.39
N GLN D 118 -11.13 7.29 -10.41
CA GLN D 118 -11.89 7.98 -11.49
C GLN D 118 -13.20 8.49 -10.94
N VAL D 119 -13.52 9.69 -11.37
CA VAL D 119 -14.72 10.36 -10.93
C VAL D 119 -15.80 10.36 -11.97
N PHE D 120 -16.94 9.77 -11.62
CA PHE D 120 -18.18 9.98 -12.37
C PHE D 120 -19.01 10.84 -11.45
N PRO D 121 -19.21 12.10 -11.83
CA PRO D 121 -19.64 13.01 -10.77
C PRO D 121 -21.15 12.93 -10.55
N PRO D 122 -21.63 13.37 -9.37
CA PRO D 122 -23.07 13.53 -9.17
C PRO D 122 -23.76 14.25 -10.33
N GLY D 123 -24.93 13.77 -10.75
CA GLY D 123 -25.63 14.37 -11.86
C GLY D 123 -25.32 13.83 -13.23
N ARG D 124 -24.26 13.05 -13.39
CA ARG D 124 -23.89 12.46 -14.67
C ARG D 124 -24.88 11.33 -14.89
N ASN D 125 -25.38 11.18 -16.13
CA ASN D 125 -26.26 10.09 -16.41
C ASN D 125 -25.51 8.83 -16.81
N CYS D 126 -25.91 7.72 -16.20
CA CYS D 126 -25.33 6.43 -16.47
C CYS D 126 -26.50 5.49 -16.80
N SER D 127 -26.16 4.27 -17.21
CA SER D 127 -27.09 3.25 -17.65
C SER D 127 -26.99 1.98 -16.79
N ILE D 128 -28.13 1.35 -16.63
CA ILE D 128 -28.31 0.09 -15.97
C ILE D 128 -29.06 -0.86 -16.91
N ALA D 129 -28.87 -2.17 -16.72
CA ALA D 129 -29.52 -3.18 -17.58
C ALA D 129 -29.72 -4.48 -16.81
N GLY D 130 -30.83 -5.17 -17.04
CA GLY D 130 -31.02 -6.43 -16.32
C GLY D 130 -32.33 -7.10 -16.73
N TRP D 131 -32.53 -8.32 -16.24
CA TRP D 131 -33.77 -9.03 -16.42
C TRP D 131 -34.60 -9.10 -15.17
N GLY D 132 -34.41 -8.17 -14.24
CA GLY D 132 -35.11 -8.22 -12.94
C GLY D 132 -36.56 -7.74 -13.04
N THR D 133 -37.20 -7.56 -11.89
CA THR D 133 -38.63 -7.28 -11.91
C THR D 133 -38.86 -5.90 -12.51
N VAL D 134 -40.01 -5.72 -13.15
CA VAL D 134 -40.31 -4.43 -13.79
C VAL D 134 -41.19 -3.50 -12.96
N VAL D 135 -41.68 -4.00 -11.84
CA VAL D 135 -42.19 -3.13 -10.82
C VAL D 135 -41.80 -3.78 -9.55
N TYR D 136 -41.76 -3.01 -8.47
CA TYR D 136 -41.47 -3.63 -7.19
C TYR D 136 -42.57 -4.67 -6.93
N GLN D 137 -42.16 -5.87 -6.53
CA GLN D 137 -43.05 -7.02 -6.29
C GLN D 137 -43.80 -7.51 -7.54
N GLY D 138 -43.28 -7.22 -8.73
CA GLY D 138 -43.96 -7.55 -9.99
C GLY D 138 -43.25 -8.74 -10.57
N THR D 139 -43.25 -8.83 -11.88
CA THR D 139 -42.69 -9.94 -12.59
C THR D 139 -41.36 -9.58 -13.28
N THR D 140 -40.46 -10.55 -13.43
CA THR D 140 -39.16 -10.30 -14.05
C THR D 140 -39.37 -10.18 -15.55
N ALA D 141 -38.43 -9.56 -16.26
CA ALA D 141 -38.53 -9.37 -17.69
C ALA D 141 -38.06 -10.61 -18.51
N ASP D 142 -38.59 -10.81 -19.70
CA ASP D 142 -38.02 -11.82 -20.59
C ASP D 142 -36.93 -11.14 -21.46
N ILE D 143 -37.27 -10.01 -22.05
CA ILE D 143 -36.26 -9.23 -22.79
C ILE D 143 -35.47 -8.28 -21.85
N LEU D 144 -34.15 -8.25 -22.06
CA LEU D 144 -33.23 -7.39 -21.33
C LEU D 144 -33.70 -5.97 -21.36
N GLN D 145 -33.82 -5.39 -20.16
CA GLN D 145 -34.30 -4.01 -20.01
C GLN D 145 -33.14 -3.08 -19.79
N GLU D 146 -33.23 -1.84 -20.29
CA GLU D 146 -32.25 -0.82 -20.00
C GLU D 146 -32.93 0.45 -19.54
N ALA D 147 -32.18 1.25 -18.79
CA ALA D 147 -32.61 2.59 -18.40
C ALA D 147 -31.39 3.47 -18.12
N ASP D 148 -31.61 4.80 -18.11
CA ASP D 148 -30.59 5.77 -17.72
C ASP D 148 -31.00 6.36 -16.37
N VAL D 149 -30.02 6.49 -15.47
CA VAL D 149 -30.27 7.03 -14.14
C VAL D 149 -29.12 7.97 -13.75
N PRO D 150 -29.44 9.07 -13.08
CA PRO D 150 -28.35 10.00 -12.79
C PRO D 150 -27.71 9.68 -11.42
N LEU D 151 -26.41 9.95 -11.32
CA LEU D 151 -25.68 9.65 -10.08
C LEU D 151 -25.97 10.64 -8.97
N LEU D 152 -25.84 10.23 -7.72
CA LEU D 152 -25.99 11.11 -6.55
C LEU D 152 -24.66 11.26 -5.83
N SER D 153 -24.47 12.33 -5.04
CA SER D 153 -23.36 12.37 -4.12
C SER D 153 -23.68 11.34 -3.01
N ASN D 154 -22.65 10.79 -2.41
CA ASN D 154 -22.84 9.93 -1.23
C ASN D 154 -23.52 10.63 -0.08
N GLU D 155 -23.23 11.92 0.10
CA GLU D 155 -23.91 12.63 1.21
C GLU D 155 -25.45 12.66 1.02
N ARG D 156 -25.89 12.91 -0.21
CA ARG D 156 -27.35 12.96 -0.46
C ARG D 156 -27.97 11.58 -0.36
N CYS D 157 -27.24 10.58 -0.86
CA CYS D 157 -27.67 9.19 -0.70
C CYS D 157 -27.82 8.83 0.74
N GLN D 158 -26.79 9.07 1.55
CA GLN D 158 -26.97 8.85 3.00
C GLN D 158 -28.22 9.62 3.59
N GLN D 159 -28.44 10.89 3.23
CA GLN D 159 -29.66 11.61 3.71
C GLN D 159 -30.96 10.85 3.36
N GLN D 160 -31.00 10.19 2.20
CA GLN D 160 -32.20 9.53 1.74
C GLN D 160 -32.26 8.09 2.18
N MET D 161 -31.20 7.59 2.81
CA MET D 161 -31.15 6.19 3.17
C MET D 161 -30.76 6.06 4.62
N PRO D 162 -31.48 6.76 5.54
CA PRO D 162 -31.06 6.74 6.96
C PRO D 162 -31.03 5.33 7.63
N GLU D 163 -31.67 4.32 7.01
CA GLU D 163 -31.65 2.94 7.56
C GLU D 163 -30.34 2.23 7.31
N TYR D 164 -29.46 2.86 6.53
CA TYR D 164 -28.25 2.17 6.03
C TYR D 164 -27.03 3.00 6.33
N ASN D 165 -25.88 2.32 6.35
CA ASN D 165 -24.60 3.02 6.38
C ASN D 165 -24.07 3.11 4.92
N ILE D 166 -24.20 4.28 4.30
CA ILE D 166 -23.69 4.52 2.95
C ILE D 166 -22.20 4.83 3.00
N THR D 167 -21.38 3.90 2.56
CA THR D 167 -19.94 4.07 2.73
C THR D 167 -19.33 4.54 1.43
N GLU D 168 -18.03 4.85 1.46
CA GLU D 168 -17.36 5.27 0.25
C GLU D 168 -17.23 4.03 -0.73
N ASN D 169 -17.52 2.80 -0.27
CA ASN D 169 -17.54 1.62 -1.21
C ASN D 169 -18.85 1.47 -1.97
N MET D 170 -19.66 2.52 -1.93
CA MET D 170 -20.96 2.50 -2.55
C MET D 170 -21.10 3.77 -3.39
N ILE D 171 -21.90 3.68 -4.46
CA ILE D 171 -22.26 4.81 -5.36
C ILE D 171 -23.77 4.63 -5.62
N CYS D 172 -24.50 5.71 -5.70
CA CYS D 172 -25.92 5.69 -5.69
C CYS D 172 -26.40 6.40 -6.95
N ALA D 173 -27.55 5.98 -7.46
CA ALA D 173 -28.09 6.55 -8.70
C ALA D 173 -29.61 6.42 -8.62
N GLY D 174 -30.29 7.46 -9.09
CA GLY D 174 -31.77 7.48 -9.04
C GLY D 174 -32.31 8.88 -9.24
N TYR D 175 -33.61 8.96 -9.56
CA TYR D 175 -34.27 10.24 -9.82
C TYR D 175 -34.95 10.77 -8.54
N GLU D 176 -34.94 12.09 -8.35
CA GLU D 176 -35.66 12.63 -7.17
C GLU D 176 -37.11 12.15 -7.19
N GLU D 177 -37.69 12.10 -8.39
CA GLU D 177 -39.13 11.77 -8.51
C GLU D 177 -39.38 10.26 -8.47
N GLY D 178 -38.34 9.44 -8.46
CA GLY D 178 -38.53 7.96 -8.52
C GLY D 178 -38.92 7.48 -9.92
N GLY D 179 -39.42 6.24 -10.04
CA GLY D 179 -39.97 5.73 -11.34
C GLY D 179 -39.05 4.90 -12.21
N ILE D 180 -37.74 5.00 -11.97
CA ILE D 180 -36.75 4.32 -12.83
C ILE D 180 -35.61 3.84 -11.93
N ASP D 181 -35.32 2.54 -11.88
CA ASP D 181 -34.38 2.01 -10.88
C ASP D 181 -34.06 0.57 -11.24
N SER D 182 -33.01 0.02 -10.63
CA SER D 182 -32.75 -1.41 -10.65
C SER D 182 -33.70 -2.06 -9.65
N CYS D 183 -33.92 -3.38 -9.76
CA CYS D 183 -34.89 -4.03 -8.86
C CYS D 183 -34.52 -5.50 -8.72
N GLN D 184 -35.39 -6.29 -8.09
CA GLN D 184 -35.04 -7.67 -7.74
C GLN D 184 -34.68 -8.51 -8.93
N GLY D 185 -33.57 -9.21 -8.88
CA GLY D 185 -33.14 -9.96 -10.09
C GLY D 185 -32.18 -9.16 -10.98
N ASP D 186 -32.08 -7.82 -10.76
CA ASP D 186 -31.01 -7.03 -11.43
C ASP D 186 -29.66 -7.04 -10.70
N SER D 187 -29.67 -7.44 -9.42
CA SER D 187 -28.39 -7.47 -8.61
C SER D 187 -27.27 -8.14 -9.34
N GLY D 188 -26.04 -7.60 -9.11
CA GLY D 188 -24.80 -8.08 -9.68
C GLY D 188 -24.54 -7.53 -11.04
N GLY D 189 -25.57 -6.96 -11.65
CA GLY D 189 -25.53 -6.30 -13.03
C GLY D 189 -24.72 -4.99 -12.95
N PRO D 190 -24.31 -4.44 -14.12
CA PRO D 190 -23.52 -3.19 -14.12
C PRO D 190 -24.28 -1.86 -13.98
N LEU D 191 -23.56 -0.90 -13.40
CA LEU D 191 -23.97 0.46 -13.54
C LEU D 191 -22.86 1.00 -14.45
N MET D 192 -23.20 1.48 -15.64
CA MET D 192 -22.13 1.86 -16.56
C MET D 192 -22.23 3.30 -17.04
N CYS D 193 -21.06 3.95 -17.14
CA CYS D 193 -20.99 5.35 -17.42
C CYS D 193 -20.00 5.51 -18.56
N GLN D 194 -20.35 6.40 -19.48
CA GLN D 194 -19.54 6.52 -20.70
C GLN D 194 -18.62 7.73 -20.55
N GLU D 195 -17.34 7.56 -20.82
CA GLU D 195 -16.44 8.71 -20.75
C GLU D 195 -15.57 8.68 -21.97
N ASN D 196 -15.52 9.81 -22.67
CA ASN D 196 -14.81 9.85 -23.95
C ASN D 196 -15.01 8.65 -24.85
N ASN D 197 -16.26 8.36 -25.20
CA ASN D 197 -16.61 7.15 -25.97
C ASN D 197 -16.05 5.81 -25.51
N ARG D 198 -15.78 5.69 -24.20
CA ARG D 198 -15.59 4.37 -23.64
C ARG D 198 -16.59 4.16 -22.52
N TRP D 199 -17.08 2.94 -22.41
CA TRP D 199 -18.01 2.58 -21.31
C TRP D 199 -17.22 2.01 -20.20
N PHE D 200 -17.57 2.42 -18.98
CA PHE D 200 -16.83 1.98 -17.80
C PHE D 200 -17.82 1.35 -16.82
N LEU D 201 -17.35 0.30 -16.15
CA LEU D 201 -18.13 -0.34 -15.07
C LEU D 201 -17.99 0.49 -13.82
N ALA D 202 -18.89 1.43 -13.56
CA ALA D 202 -18.82 2.31 -12.37
C ALA D 202 -19.38 1.66 -11.08
N GLY D 203 -20.40 0.81 -11.23
CA GLY D 203 -21.10 0.21 -10.03
C GLY D 203 -21.57 -1.20 -10.37
N VAL D 204 -21.87 -1.95 -9.32
CA VAL D 204 -22.44 -3.28 -9.41
C VAL D 204 -23.69 -3.21 -8.60
N THR D 205 -24.82 -3.54 -9.20
CA THR D 205 -26.14 -3.40 -8.55
C THR D 205 -26.21 -4.17 -7.22
N SER D 206 -26.51 -3.42 -6.14
CA SER D 206 -26.35 -3.95 -4.77
C SER D 206 -27.67 -4.01 -4.00
N PHE D 207 -28.28 -2.88 -3.66
CA PHE D 207 -29.53 -2.93 -2.88
C PHE D 207 -30.25 -1.60 -3.02
N GLY D 208 -31.46 -1.57 -2.49
CA GLY D 208 -32.24 -0.35 -2.45
C GLY D 208 -33.34 -0.51 -1.43
N TYR D 209 -34.02 0.59 -1.07
CA TYR D 209 -35.24 0.49 -0.21
C TYR D 209 -36.41 0.32 -1.20
N GLU D 210 -36.94 -0.90 -1.33
CA GLU D 210 -37.88 -1.23 -2.42
C GLU D 210 -37.26 -0.84 -3.77
N CYS D 211 -38.05 -0.36 -4.74
CA CYS D 211 -37.52 0.00 -6.04
C CYS D 211 -38.31 1.16 -6.54
N ALA D 212 -37.62 2.12 -7.14
CA ALA D 212 -38.28 3.18 -7.90
C ALA D 212 -39.10 4.21 -7.12
N LEU D 213 -38.96 4.24 -5.80
CA LEU D 213 -39.63 5.25 -4.95
C LEU D 213 -39.03 6.63 -5.09
N PRO D 214 -39.85 7.71 -4.92
CA PRO D 214 -39.31 9.09 -4.89
C PRO D 214 -38.28 9.24 -3.76
N ASN D 215 -37.17 9.95 -4.01
CA ASN D 215 -36.12 10.13 -3.02
C ASN D 215 -35.58 8.87 -2.38
N ARG D 216 -35.56 7.79 -3.13
CA ARG D 216 -34.93 6.59 -2.64
C ARG D 216 -34.00 6.06 -3.76
N PRO D 217 -32.70 6.34 -3.65
CA PRO D 217 -31.89 5.96 -4.83
C PRO D 217 -31.46 4.47 -4.79
N GLY D 218 -31.09 3.90 -5.92
CA GLY D 218 -30.45 2.58 -5.97
C GLY D 218 -28.99 2.69 -5.49
N VAL D 219 -28.49 1.65 -4.81
CA VAL D 219 -27.16 1.64 -4.24
C VAL D 219 -26.40 0.52 -4.97
N TYR D 220 -25.17 0.85 -5.34
CA TYR D 220 -24.34 0.01 -6.19
C TYR D 220 -22.97 -0.08 -5.50
N ALA D 221 -22.30 -1.22 -5.57
CA ALA D 221 -20.88 -1.26 -5.15
C ALA D 221 -20.04 -0.33 -6.06
N ARG D 222 -19.23 0.50 -5.47
CA ARG D 222 -18.45 1.50 -6.25
C ARG D 222 -17.18 0.84 -6.80
N VAL D 223 -17.15 0.47 -8.07
CA VAL D 223 -16.14 -0.40 -8.61
C VAL D 223 -14.73 0.22 -8.61
N SER D 224 -14.63 1.54 -8.73
CA SER D 224 -13.30 2.12 -8.61
C SER D 224 -12.61 1.76 -7.29
N ARG D 225 -13.35 1.56 -6.19
CA ARG D 225 -12.69 1.17 -4.95
C ARG D 225 -12.10 -0.24 -4.96
N PHE D 226 -12.39 -1.02 -5.99
CA PHE D 226 -12.08 -2.47 -6.03
C PHE D 226 -11.29 -2.74 -7.32
N THR D 227 -11.03 -1.69 -8.12
CA THR D 227 -10.32 -1.92 -9.41
C THR D 227 -8.97 -2.69 -9.30
N GLU D 228 -8.17 -2.33 -8.31
CA GLU D 228 -6.92 -3.03 -8.06
C GLU D 228 -7.12 -4.54 -7.71
N TRP D 229 -8.01 -4.79 -6.77
CA TRP D 229 -8.38 -6.14 -6.36
C TRP D 229 -8.91 -6.94 -7.55
N ILE D 230 -9.85 -6.36 -8.31
CA ILE D 230 -10.33 -7.04 -9.54
C ILE D 230 -9.17 -7.36 -10.54
N GLN D 231 -8.36 -6.36 -10.83
CA GLN D 231 -7.20 -6.53 -11.75
C GLN D 231 -6.25 -7.63 -11.30
N SER D 232 -6.13 -7.86 -10.00
CA SER D 232 -5.24 -8.90 -9.54
C SER D 232 -5.63 -10.26 -10.05
N PHE D 233 -6.88 -10.44 -10.48
CA PHE D 233 -7.33 -11.70 -11.00
C PHE D 233 -7.06 -11.79 -12.50
N LEU D 234 -6.95 -10.65 -13.21
CA LEU D 234 -7.03 -10.76 -14.68
C LEU D 234 -5.75 -11.32 -15.35
#